data_4ZNC
#
_entry.id   4ZNC
#
_cell.length_a   137.951
_cell.length_b   87.210
_cell.length_c   103.248
_cell.angle_alpha   90.00
_cell.angle_beta   91.06
_cell.angle_gamma   90.00
#
_symmetry.space_group_name_H-M   'C 1 2 1'
#
loop_
_entity.id
_entity.type
_entity.pdbx_description
1 polymer 'Immunoglobulin G-binding protein A'
2 polymer 'Ig gamma-3 chain C region'
3 water water
#
loop_
_entity_poly.entity_id
_entity_poly.type
_entity_poly.pdbx_seq_one_letter_code
_entity_poly.pdbx_strand_id
1 'polypeptide(L)' ADNKFNKEWQNAFYEILHLPNLTEEQRNGFIQSLKDDPSVSKEILAEAKKLNDAQAPK A,B,C
2 'polypeptide(L)'
;PSVFLFPPKPKDTLMISRTPEVTCVVVDVSHEDPEVQFKWYVDGVEVHNAKTKPREEQFNSTFRVVSVLTVLHQDWLNGK
EYKCKVSNKALPAPIEKTISKTKGQPREPQVYTLPPSREEMTKNQVSLTCLVKGFYPSDIAVEWESSGQPENNYNTTPPM
LDSDGSFFLYSKLTVDKSRWQQGNIFSCSVMHEALHNHYTQKSLSLSPGKGSLEHHHHHH
;
D,E,F
#
# COMPACT_ATOMS: atom_id res chain seq x y z
N PHE A 5 8.17 -9.96 -7.65
CA PHE A 5 8.67 -8.72 -7.04
C PHE A 5 10.08 -8.27 -7.46
N ASN A 6 10.12 -7.13 -8.12
CA ASN A 6 11.35 -6.61 -8.69
C ASN A 6 12.15 -5.65 -7.79
N LYS A 7 13.17 -6.18 -7.12
CA LYS A 7 14.02 -5.45 -6.18
C LYS A 7 14.81 -4.32 -6.80
N GLU A 8 15.38 -4.62 -7.95
CA GLU A 8 16.21 -3.69 -8.70
C GLU A 8 15.42 -2.48 -9.14
N TRP A 9 14.18 -2.74 -9.54
CA TRP A 9 13.27 -1.68 -9.96
C TRP A 9 12.94 -0.76 -8.76
N GLN A 10 12.51 -1.36 -7.64
CA GLN A 10 12.14 -0.62 -6.43
C GLN A 10 13.41 0.13 -5.93
N ASN A 11 14.54 -0.54 -5.94
CA ASN A 11 15.82 0.09 -5.52
C ASN A 11 16.26 1.25 -6.39
N ALA A 12 16.20 1.12 -7.71
CA ALA A 12 16.52 2.27 -8.56
C ALA A 12 15.63 3.49 -8.24
N PHE A 13 14.36 3.25 -7.98
CA PHE A 13 13.43 4.32 -7.70
C PHE A 13 13.80 5.07 -6.42
N TYR A 14 14.10 4.30 -5.39
CA TYR A 14 14.44 4.84 -4.08
C TYR A 14 15.71 5.67 -4.15
N GLU A 15 16.77 5.11 -4.74
N GLU A 15 16.78 5.11 -4.71
CA GLU A 15 18.04 5.83 -4.78
CA GLU A 15 18.04 5.84 -4.78
C GLU A 15 17.90 7.08 -5.62
C GLU A 15 17.87 7.10 -5.60
N ILE A 16 17.13 7.01 -6.71
CA ILE A 16 16.91 8.20 -7.53
C ILE A 16 16.13 9.26 -6.78
N LEU A 17 15.13 8.83 -6.03
CA LEU A 17 14.37 9.78 -5.21
C LEU A 17 15.28 10.65 -4.29
N HIS A 18 16.32 10.02 -3.74
CA HIS A 18 17.17 10.66 -2.74
C HIS A 18 18.48 11.20 -3.31
N LEU A 19 18.64 11.31 -4.64
CA LEU A 19 19.93 11.85 -5.17
C LEU A 19 19.92 13.38 -5.05
N PRO A 20 20.90 13.94 -4.33
CA PRO A 20 20.89 15.36 -3.90
C PRO A 20 21.26 16.40 -4.98
N ASN A 21 21.92 16.01 -6.08
CA ASN A 21 22.34 16.99 -7.09
C ASN A 21 21.53 16.98 -8.39
N LEU A 22 20.44 16.24 -8.40
CA LEU A 22 19.53 16.27 -9.53
C LEU A 22 18.54 17.41 -9.37
N THR A 23 18.22 18.07 -10.49
CA THR A 23 17.05 18.97 -10.54
C THR A 23 15.77 18.15 -10.28
N GLU A 24 14.63 18.85 -10.11
CA GLU A 24 13.34 18.18 -9.94
C GLU A 24 12.97 17.61 -11.31
N GLU A 25 13.31 18.33 -12.37
CA GLU A 25 13.02 17.95 -13.74
C GLU A 25 13.69 16.65 -14.18
N GLN A 26 14.95 16.50 -13.78
CA GLN A 26 15.76 15.32 -14.02
C GLN A 26 15.29 14.16 -13.22
N ARG A 27 15.12 14.39 -11.90
N ARG A 27 15.10 14.39 -11.91
CA ARG A 27 14.55 13.41 -10.98
CA ARG A 27 14.56 13.38 -10.99
C ARG A 27 13.28 12.81 -11.61
C ARG A 27 13.27 12.81 -11.61
N ASN A 28 12.40 13.70 -12.06
CA ASN A 28 11.14 13.28 -12.66
C ASN A 28 11.33 12.48 -13.95
N GLY A 29 12.25 12.93 -14.82
CA GLY A 29 12.52 12.21 -16.06
C GLY A 29 12.95 10.76 -15.79
N PHE A 30 13.87 10.59 -14.83
CA PHE A 30 14.41 9.25 -14.52
C PHE A 30 13.32 8.37 -13.91
N ILE A 31 12.43 8.96 -13.13
CA ILE A 31 11.40 8.15 -12.50
C ILE A 31 10.35 7.76 -13.55
N GLN A 32 10.07 8.64 -14.51
CA GLN A 32 9.22 8.29 -15.64
C GLN A 32 9.85 7.20 -16.52
N SER A 33 11.16 7.29 -16.74
CA SER A 33 11.91 6.25 -17.47
C SER A 33 11.74 4.89 -16.83
N LEU A 34 11.87 4.85 -15.50
CA LEU A 34 11.71 3.60 -14.77
C LEU A 34 10.30 3.00 -14.98
N LYS A 35 9.31 3.86 -15.08
CA LYS A 35 7.96 3.36 -15.32
C LYS A 35 7.80 2.87 -16.75
N ASP A 36 8.41 3.58 -17.69
CA ASP A 36 8.25 3.24 -19.10
C ASP A 36 8.87 1.86 -19.42
N ASP A 37 10.03 1.58 -18.83
CA ASP A 37 10.79 0.35 -19.11
C ASP A 37 11.56 -0.14 -17.87
N PRO A 38 10.89 -0.92 -17.01
CA PRO A 38 11.57 -1.44 -15.83
C PRO A 38 12.81 -2.29 -16.15
N SER A 39 12.87 -2.94 -17.32
CA SER A 39 13.90 -3.95 -17.55
C SER A 39 15.29 -3.32 -17.71
N VAL A 40 15.34 -1.98 -17.81
CA VAL A 40 16.60 -1.25 -17.89
C VAL A 40 16.83 -0.32 -16.65
N SER A 41 16.31 -0.71 -15.49
CA SER A 41 16.49 0.04 -14.24
C SER A 41 17.93 0.19 -13.80
N LYS A 42 18.70 -0.87 -13.98
CA LYS A 42 20.12 -0.83 -13.70
C LYS A 42 20.83 0.30 -14.44
N GLU A 43 20.49 0.44 -15.72
CA GLU A 43 21.16 1.41 -16.59
C GLU A 43 20.60 2.81 -16.33
N ILE A 44 19.31 2.92 -16.01
CA ILE A 44 18.75 4.22 -15.65
C ILE A 44 19.41 4.77 -14.37
N LEU A 45 19.63 3.90 -13.39
CA LEU A 45 20.24 4.32 -12.12
C LEU A 45 21.71 4.72 -12.39
N ALA A 46 22.41 3.96 -13.23
CA ALA A 46 23.80 4.30 -13.52
C ALA A 46 23.86 5.66 -14.21
N GLU A 47 22.93 5.92 -15.14
CA GLU A 47 22.89 7.24 -15.82
C GLU A 47 22.57 8.34 -14.85
N ALA A 48 21.60 8.11 -13.96
CA ALA A 48 21.25 9.06 -12.87
C ALA A 48 22.40 9.39 -11.93
N LYS A 49 23.09 8.35 -11.43
CA LYS A 49 24.24 8.49 -10.53
C LYS A 49 25.36 9.24 -11.25
N LYS A 50 25.54 8.93 -12.52
CA LYS A 50 26.56 9.60 -13.31
C LYS A 50 26.22 11.06 -13.57
N LEU A 51 24.93 11.43 -13.70
CA LEU A 51 24.58 12.84 -13.92
C LEU A 51 24.68 13.61 -12.61
N ASN A 52 24.42 12.92 -11.51
CA ASN A 52 24.33 13.54 -10.16
C ASN A 52 25.69 13.93 -9.69
N ASP A 53 26.66 13.13 -10.13
CA ASP A 53 28.06 13.35 -9.84
C ASP A 53 28.63 14.50 -10.66
N ALA A 54 28.47 14.46 -11.99
CA ALA A 54 28.84 15.60 -12.86
C ALA A 54 28.21 16.96 -12.49
N GLN A 55 27.25 16.95 -11.56
CA GLN A 55 26.54 18.17 -11.18
C GLN A 55 26.84 18.53 -9.72
N ALA A 56 27.88 17.89 -9.18
CA ALA A 56 28.47 18.30 -7.88
C ALA A 56 28.70 19.80 -7.81
N PRO A 57 28.51 20.41 -6.61
CA PRO A 57 28.62 21.89 -6.48
C PRO A 57 29.93 22.49 -6.99
N PHE B 5 -32.29 3.83 5.82
CA PHE B 5 -31.84 2.60 5.16
C PHE B 5 -30.32 2.46 5.10
N ASN B 6 -29.80 1.34 5.61
CA ASN B 6 -28.34 1.15 5.69
C ASN B 6 -27.71 0.42 4.49
N LYS B 7 -27.16 1.15 3.51
CA LYS B 7 -26.61 0.50 2.32
C LYS B 7 -25.46 -0.46 2.63
N GLU B 8 -24.60 -0.05 3.56
CA GLU B 8 -23.37 -0.77 3.83
C GLU B 8 -23.67 -2.12 4.44
N TRP B 9 -24.76 -2.16 5.21
CA TRP B 9 -25.17 -3.37 5.92
C TRP B 9 -25.75 -4.39 4.91
N GLN B 10 -26.59 -3.91 4.00
CA GLN B 10 -27.21 -4.78 3.02
C GLN B 10 -26.19 -5.28 2.00
N ASN B 11 -25.31 -4.40 1.50
CA ASN B 11 -24.23 -4.78 0.61
C ASN B 11 -23.36 -5.86 1.20
N ALA B 12 -22.99 -5.72 2.48
CA ALA B 12 -22.11 -6.69 3.10
C ALA B 12 -22.76 -8.05 3.08
N PHE B 13 -24.06 -8.08 3.36
CA PHE B 13 -24.81 -9.33 3.36
C PHE B 13 -24.86 -9.94 1.95
N TYR B 14 -25.20 -9.10 0.96
CA TYR B 14 -25.26 -9.58 -0.41
C TYR B 14 -23.94 -10.15 -0.85
N GLU B 15 -22.82 -9.46 -0.59
CA GLU B 15 -21.51 -9.95 -1.08
C GLU B 15 -21.15 -11.30 -0.44
N ILE B 16 -21.43 -11.42 0.86
CA ILE B 16 -21.00 -12.58 1.65
C ILE B 16 -21.87 -13.74 1.24
N LEU B 17 -23.08 -13.42 0.79
CA LEU B 17 -23.94 -14.48 0.32
C LEU B 17 -23.38 -15.17 -0.94
N HIS B 18 -22.65 -14.43 -1.75
CA HIS B 18 -22.17 -14.91 -3.05
C HIS B 18 -20.70 -15.24 -3.09
N LEU B 19 -19.96 -15.09 -1.98
CA LEU B 19 -18.51 -15.38 -2.00
C LEU B 19 -18.26 -16.88 -2.25
N PRO B 20 -17.64 -17.23 -3.39
CA PRO B 20 -17.56 -18.62 -3.86
C PRO B 20 -16.67 -19.56 -3.04
N ASN B 21 -15.78 -19.07 -2.20
CA ASN B 21 -14.87 -19.97 -1.46
C ASN B 21 -15.13 -20.08 0.05
N LEU B 22 -16.24 -19.53 0.52
CA LEU B 22 -16.63 -19.75 1.90
C LEU B 22 -17.32 -21.09 2.00
N THR B 23 -17.08 -21.74 3.12
CA THR B 23 -17.91 -22.83 3.56
C THR B 23 -19.27 -22.25 3.91
N GLU B 24 -20.30 -23.08 3.81
CA GLU B 24 -21.62 -22.77 4.37
C GLU B 24 -21.52 -22.32 5.85
N GLU B 25 -20.66 -22.99 6.62
CA GLU B 25 -20.52 -22.72 8.04
C GLU B 25 -19.94 -21.34 8.31
N GLN B 26 -18.93 -20.97 7.53
CA GLN B 26 -18.30 -19.65 7.66
C GLN B 26 -19.25 -18.56 7.14
N ARG B 27 -19.93 -18.87 6.06
CA ARG B 27 -20.89 -17.95 5.47
C ARG B 27 -22.01 -17.69 6.47
N ASN B 28 -22.51 -18.74 7.10
CA ASN B 28 -23.49 -18.54 8.15
C ASN B 28 -22.98 -17.72 9.34
N GLY B 29 -21.69 -17.86 9.66
CA GLY B 29 -21.11 -17.16 10.79
C GLY B 29 -21.05 -15.69 10.54
N PHE B 30 -20.60 -15.33 9.33
CA PHE B 30 -20.48 -13.95 8.95
C PHE B 30 -21.87 -13.24 8.91
N ILE B 31 -22.86 -13.90 8.34
CA ILE B 31 -24.20 -13.36 8.27
C ILE B 31 -24.81 -13.17 9.68
N GLN B 32 -24.62 -14.16 10.54
CA GLN B 32 -24.92 -13.97 11.97
C GLN B 32 -24.22 -12.73 12.57
N SER B 33 -22.92 -12.51 12.24
CA SER B 33 -22.19 -11.35 12.73
C SER B 33 -22.80 -10.07 12.26
N LEU B 34 -23.27 -10.05 11.02
CA LEU B 34 -23.95 -8.89 10.52
C LEU B 34 -25.25 -8.63 11.33
N LYS B 35 -25.97 -9.66 11.78
CA LYS B 35 -27.21 -9.34 12.51
C LYS B 35 -26.86 -8.88 13.94
N ASP B 36 -25.85 -9.52 14.52
CA ASP B 36 -25.37 -9.19 15.86
C ASP B 36 -24.85 -7.75 16.01
N ASP B 37 -24.01 -7.29 15.08
CA ASP B 37 -23.50 -5.90 15.12
C ASP B 37 -23.35 -5.28 13.71
N PRO B 38 -24.41 -4.62 13.20
CA PRO B 38 -24.44 -3.95 11.91
C PRO B 38 -23.40 -2.86 11.74
N SER B 39 -22.95 -2.30 12.86
CA SER B 39 -22.04 -1.14 12.85
C SER B 39 -20.61 -1.46 12.46
N VAL B 40 -20.26 -2.74 12.48
CA VAL B 40 -18.99 -3.18 11.92
C VAL B 40 -19.18 -4.00 10.62
N SER B 41 -20.20 -3.70 9.82
CA SER B 41 -20.37 -4.33 8.49
C SER B 41 -19.15 -4.23 7.60
N LYS B 42 -18.57 -3.04 7.54
CA LYS B 42 -17.35 -2.79 6.77
C LYS B 42 -16.28 -3.82 7.12
N GLU B 43 -16.13 -4.10 8.41
CA GLU B 43 -15.03 -4.92 8.85
C GLU B 43 -15.35 -6.37 8.65
N ILE B 44 -16.60 -6.74 8.88
CA ILE B 44 -17.03 -8.10 8.66
C ILE B 44 -16.81 -8.52 7.21
N LEU B 45 -17.22 -7.64 6.29
CA LEU B 45 -17.07 -7.89 4.88
C LEU B 45 -15.57 -8.00 4.52
N ALA B 46 -14.78 -7.01 4.92
CA ALA B 46 -13.31 -7.09 4.71
C ALA B 46 -12.70 -8.41 5.19
N GLU B 47 -13.16 -8.91 6.35
CA GLU B 47 -12.72 -10.22 6.90
C GLU B 47 -13.20 -11.43 6.11
N ALA B 48 -14.43 -11.37 5.60
CA ALA B 48 -14.95 -12.47 4.75
C ALA B 48 -14.18 -12.58 3.43
N LYS B 49 -13.99 -11.46 2.75
CA LYS B 49 -13.17 -11.45 1.52
C LYS B 49 -11.71 -11.94 1.71
N LYS B 50 -11.07 -11.47 2.77
CA LYS B 50 -9.79 -11.95 3.26
C LYS B 50 -9.78 -13.45 3.37
N LEU B 51 -10.82 -13.98 3.99
CA LEU B 51 -10.90 -15.41 4.25
C LEU B 51 -11.19 -16.16 2.94
N ASN B 52 -12.07 -15.59 2.13
CA ASN B 52 -12.43 -16.12 0.79
C ASN B 52 -11.22 -16.32 -0.16
N ASP B 53 -10.33 -15.35 -0.18
CA ASP B 53 -9.15 -15.35 -1.03
C ASP B 53 -8.06 -16.31 -0.53
N ALA B 54 -7.91 -16.37 0.78
CA ALA B 54 -6.97 -17.30 1.41
C ALA B 54 -7.36 -18.71 1.13
N GLN B 55 -8.63 -18.91 0.77
CA GLN B 55 -9.19 -20.24 0.55
C GLN B 55 -9.50 -20.49 -0.93
N ALA B 56 -8.97 -19.64 -1.81
CA ALA B 56 -9.13 -19.84 -3.26
C ALA B 56 -8.42 -21.13 -3.71
N PRO B 57 -8.98 -21.84 -4.71
CA PRO B 57 -8.28 -23.01 -5.29
C PRO B 57 -6.87 -22.74 -5.86
N PHE C 5 -8.53 29.30 13.10
CA PHE C 5 -7.75 29.06 14.32
C PHE C 5 -8.12 27.81 15.13
N ASN C 6 -7.20 26.84 15.27
CA ASN C 6 -7.52 25.58 15.99
C ASN C 6 -7.29 25.65 17.51
N LYS C 7 -8.41 25.69 18.23
CA LYS C 7 -8.39 25.83 19.67
C LYS C 7 -8.12 24.49 20.33
N GLU C 8 -8.54 23.42 19.67
CA GLU C 8 -8.35 22.08 20.17
C GLU C 8 -6.83 21.81 20.29
N TRP C 9 -6.11 22.15 19.23
CA TRP C 9 -4.66 21.97 19.12
C TRP C 9 -3.89 22.81 20.17
N GLN C 10 -4.25 24.08 20.33
CA GLN C 10 -3.59 24.96 21.29
C GLN C 10 -3.83 24.49 22.73
N ASN C 11 -5.06 24.08 23.03
CA ASN C 11 -5.36 23.65 24.38
C ASN C 11 -4.57 22.41 24.79
N ALA C 12 -4.41 21.47 23.87
CA ALA C 12 -3.70 20.25 24.21
C ALA C 12 -2.25 20.61 24.47
N PHE C 13 -1.74 21.59 23.74
CA PHE C 13 -0.35 21.99 23.93
C PHE C 13 -0.18 22.58 25.30
N TYR C 14 -1.05 23.55 25.64
CA TYR C 14 -1.01 24.18 26.97
C TYR C 14 -0.98 23.15 28.11
N GLU C 15 -1.83 22.15 28.03
CA GLU C 15 -2.03 21.18 29.11
C GLU C 15 -0.84 20.25 29.28
N ILE C 16 -0.44 19.61 28.19
CA ILE C 16 0.78 18.80 28.15
C ILE C 16 1.97 19.60 28.64
N LEU C 17 1.99 20.87 28.30
CA LEU C 17 3.06 21.75 28.78
C LEU C 17 3.12 21.71 30.29
N HIS C 18 1.95 21.65 30.90
CA HIS C 18 1.84 21.85 32.36
C HIS C 18 1.58 20.57 33.16
N LEU C 19 1.59 19.42 32.49
CA LEU C 19 1.42 18.13 33.19
C LEU C 19 2.62 17.87 34.10
N PRO C 20 2.39 17.81 35.42
CA PRO C 20 3.53 17.89 36.35
C PRO C 20 4.39 16.61 36.49
N ASN C 21 3.81 15.44 36.22
CA ASN C 21 4.54 14.19 36.45
C ASN C 21 5.28 13.65 35.22
N LEU C 22 5.30 14.43 34.14
CA LEU C 22 6.02 14.02 32.93
C LEU C 22 7.51 14.37 33.03
N THR C 23 8.37 13.46 32.58
CA THR C 23 9.79 13.76 32.36
C THR C 23 9.89 14.83 31.28
N GLU C 24 10.99 15.56 31.27
CA GLU C 24 11.25 16.58 30.26
C GLU C 24 11.31 15.91 28.88
N GLU C 25 11.83 14.68 28.80
CA GLU C 25 11.97 13.98 27.52
C GLU C 25 10.61 13.50 26.93
N GLN C 26 9.67 13.17 27.83
CA GLN C 26 8.34 12.69 27.45
C GLN C 26 7.47 13.85 26.95
N ARG C 27 7.42 14.91 27.76
CA ARG C 27 6.78 16.19 27.41
C ARG C 27 7.26 16.66 26.03
N ASN C 28 8.55 16.59 25.78
CA ASN C 28 9.07 16.96 24.45
C ASN C 28 8.60 16.04 23.33
N GLY C 29 8.67 14.70 23.52
CA GLY C 29 8.17 13.78 22.49
C GLY C 29 6.72 14.02 22.10
N PHE C 30 5.87 14.24 23.11
CA PHE C 30 4.44 14.43 22.92
C PHE C 30 4.19 15.76 22.23
N ILE C 31 4.91 16.77 22.68
CA ILE C 31 4.76 18.11 22.12
C ILE C 31 5.29 18.13 20.71
N GLN C 32 6.40 17.43 20.50
CA GLN C 32 6.94 17.27 19.15
C GLN C 32 5.93 16.56 18.20
N SER C 33 5.29 15.49 18.70
CA SER C 33 4.27 14.77 17.90
C SER C 33 3.05 15.66 17.68
N LEU C 34 2.79 16.52 18.65
CA LEU C 34 1.64 17.39 18.57
C LEU C 34 1.80 18.47 17.52
N LYS C 35 3.00 19.07 17.47
CA LYS C 35 3.29 20.13 16.51
C LYS C 35 3.33 19.52 15.09
N ASP C 36 3.82 18.30 14.98
CA ASP C 36 3.92 17.65 13.66
C ASP C 36 2.59 17.12 13.15
N ASP C 37 1.64 16.79 14.03
CA ASP C 37 0.39 16.16 13.60
C ASP C 37 -0.80 16.61 14.47
N PRO C 38 -1.42 17.76 14.11
CA PRO C 38 -2.59 18.31 14.77
C PRO C 38 -3.81 17.37 14.78
N SER C 39 -3.93 16.48 13.79
CA SER C 39 -5.14 15.67 13.64
C SER C 39 -5.33 14.72 14.81
N VAL C 40 -4.25 14.22 15.37
CA VAL C 40 -4.37 13.30 16.49
C VAL C 40 -3.97 14.03 17.77
N SER C 41 -4.45 15.26 17.92
CA SER C 41 -4.22 15.99 19.16
C SER C 41 -5.04 15.33 20.31
N LYS C 42 -6.23 14.77 20.02
CA LYS C 42 -6.98 14.02 21.04
C LYS C 42 -6.24 12.75 21.49
N GLU C 43 -5.71 12.00 20.52
CA GLU C 43 -4.95 10.77 20.85
C GLU C 43 -3.71 11.13 21.67
N ILE C 44 -3.11 12.31 21.40
CA ILE C 44 -1.84 12.65 22.04
C ILE C 44 -2.04 13.11 23.47
N LEU C 45 -3.10 13.91 23.65
CA LEU C 45 -3.51 14.42 24.96
C LEU C 45 -3.93 13.27 25.88
N ALA C 46 -4.59 12.26 25.32
CA ALA C 46 -5.03 11.09 26.07
C ALA C 46 -3.82 10.28 26.52
N GLU C 47 -2.89 10.02 25.61
CA GLU C 47 -1.71 9.22 25.92
C GLU C 47 -0.79 9.93 26.92
N ALA C 48 -0.73 11.24 26.85
CA ALA C 48 0.15 12.00 27.75
C ALA C 48 -0.46 12.08 29.14
N LYS C 49 -1.79 12.03 29.21
CA LYS C 49 -2.48 12.03 30.50
C LYS C 49 -2.46 10.65 31.16
N LYS C 50 -2.65 9.60 30.36
CA LYS C 50 -2.50 8.22 30.87
C LYS C 50 -1.05 8.02 31.41
N LEU C 51 -0.03 8.32 30.62
CA LEU C 51 1.34 8.17 31.10
C LEU C 51 1.63 9.13 32.28
N ASN C 52 0.86 10.21 32.41
CA ASN C 52 1.12 11.18 33.47
C ASN C 52 0.51 10.72 34.76
N ASP C 53 -0.72 10.19 34.67
CA ASP C 53 -1.48 9.74 35.83
C ASP C 53 -0.75 8.56 36.52
N ALA C 54 -0.35 7.59 35.70
CA ALA C 54 0.50 6.45 36.11
C ALA C 54 1.86 6.84 36.72
N GLN C 55 2.39 8.01 36.32
CA GLN C 55 3.68 8.50 36.81
C GLN C 55 3.53 9.32 38.13
N ALA C 56 2.36 9.31 38.76
CA ALA C 56 2.10 10.24 39.87
C ALA C 56 2.80 9.81 41.17
N PRO C 57 3.11 10.76 42.08
CA PRO C 57 3.78 10.30 43.31
C PRO C 57 2.87 9.41 44.18
N PRO D 1 11.33 -28.36 -20.74
CA PRO D 1 10.17 -27.79 -21.44
C PRO D 1 9.96 -26.31 -21.10
N SER D 2 10.60 -25.43 -21.87
CA SER D 2 10.48 -23.98 -21.64
C SER D 2 10.35 -23.09 -22.92
N VAL D 3 9.86 -21.86 -22.71
CA VAL D 3 9.34 -21.01 -23.78
C VAL D 3 9.93 -19.60 -23.85
N PHE D 4 10.17 -19.14 -25.06
CA PHE D 4 10.69 -17.81 -25.28
C PHE D 4 9.91 -17.11 -26.39
N LEU D 5 9.66 -15.83 -26.19
CA LEU D 5 8.96 -14.98 -27.17
C LEU D 5 9.78 -13.81 -27.66
N PHE D 6 9.96 -13.72 -28.98
CA PHE D 6 10.80 -12.70 -29.59
C PHE D 6 10.03 -11.66 -30.42
N PRO D 7 10.47 -10.40 -30.39
CA PRO D 7 9.73 -9.38 -31.12
C PRO D 7 10.18 -9.36 -32.56
N PRO D 8 9.49 -8.59 -33.40
CA PRO D 8 9.86 -8.46 -34.80
C PRO D 8 11.10 -7.62 -34.89
N LYS D 9 11.79 -7.70 -36.02
CA LYS D 9 12.91 -6.84 -36.26
C LYS D 9 12.37 -5.40 -36.44
N PRO D 10 13.12 -4.40 -35.94
CA PRO D 10 12.68 -3.01 -36.04
C PRO D 10 12.46 -2.56 -37.44
N LYS D 11 13.38 -2.84 -38.36
CA LYS D 11 13.19 -2.48 -39.75
C LYS D 11 11.89 -3.08 -40.33
N ASP D 12 11.57 -4.30 -39.95
CA ASP D 12 10.36 -4.96 -40.44
C ASP D 12 9.11 -4.24 -39.99
N THR D 13 9.08 -3.72 -38.76
CA THR D 13 7.83 -3.10 -38.31
C THR D 13 7.67 -1.73 -38.97
N LEU D 14 8.71 -1.24 -39.64
CA LEU D 14 8.75 0.17 -40.04
C LEU D 14 8.60 0.37 -41.53
N MET D 15 9.07 -0.61 -42.32
CA MET D 15 9.05 -0.49 -43.77
C MET D 15 7.91 -1.30 -44.36
N ILE D 16 7.17 -0.72 -45.30
CA ILE D 16 6.00 -1.38 -45.84
C ILE D 16 6.44 -2.51 -46.78
N SER D 17 7.66 -2.36 -47.33
CA SER D 17 8.35 -3.41 -48.13
C SER D 17 8.65 -4.68 -47.36
N ARG D 18 8.46 -4.67 -46.03
CA ARG D 18 8.85 -5.80 -45.20
C ARG D 18 7.68 -6.42 -44.49
N THR D 19 7.87 -7.63 -43.99
CA THR D 19 6.82 -8.35 -43.25
C THR D 19 7.29 -8.72 -41.85
N PRO D 20 6.70 -8.06 -40.83
CA PRO D 20 7.17 -8.31 -39.48
C PRO D 20 6.52 -9.51 -38.85
N GLU D 21 7.24 -10.14 -37.91
CA GLU D 21 6.73 -11.28 -37.23
C GLU D 21 7.23 -11.46 -35.80
N VAL D 22 6.33 -12.00 -34.99
CA VAL D 22 6.62 -12.43 -33.64
C VAL D 22 6.85 -13.96 -33.67
N THR D 23 7.83 -14.40 -32.90
CA THR D 23 8.30 -15.78 -32.88
C THR D 23 8.28 -16.38 -31.49
N CYS D 24 7.69 -17.56 -31.36
CA CYS D 24 7.63 -18.35 -30.12
C CYS D 24 8.51 -19.59 -30.24
N VAL D 25 9.51 -19.67 -29.38
CA VAL D 25 10.50 -20.72 -29.45
C VAL D 25 10.40 -21.58 -28.22
N VAL D 26 10.04 -22.85 -28.43
CA VAL D 26 10.03 -23.82 -27.35
C VAL D 26 11.27 -24.69 -27.38
N VAL D 27 11.97 -24.77 -26.25
CA VAL D 27 13.18 -25.61 -26.13
C VAL D 27 13.03 -26.74 -25.12
N ASP D 28 13.87 -27.77 -25.26
CA ASP D 28 13.88 -28.91 -24.36
C ASP D 28 12.52 -29.66 -24.35
N VAL D 29 11.93 -29.80 -25.53
CA VAL D 29 10.80 -30.68 -25.76
C VAL D 29 11.31 -32.11 -25.73
N SER D 30 10.66 -32.96 -24.94
CA SER D 30 11.09 -34.34 -24.79
C SER D 30 10.80 -35.12 -26.06
N HIS D 31 11.77 -35.95 -26.44
CA HIS D 31 11.64 -36.86 -27.59
C HIS D 31 10.46 -37.81 -27.44
N GLU D 32 10.16 -38.12 -26.18
CA GLU D 32 9.01 -38.94 -25.83
C GLU D 32 7.68 -38.28 -26.20
N ASP D 33 7.66 -36.93 -26.21
CA ASP D 33 6.47 -36.12 -26.50
C ASP D 33 6.79 -34.86 -27.33
N PRO D 34 7.03 -35.03 -28.63
CA PRO D 34 7.42 -33.92 -29.52
C PRO D 34 6.25 -33.07 -30.01
N GLU D 35 5.03 -33.54 -29.74
CA GLU D 35 3.80 -32.81 -30.03
C GLU D 35 3.76 -31.52 -29.26
N VAL D 36 3.72 -30.40 -29.99
CA VAL D 36 3.51 -29.10 -29.38
C VAL D 36 2.43 -28.30 -30.13
N GLN D 37 1.51 -27.75 -29.34
CA GLN D 37 0.39 -26.96 -29.83
C GLN D 37 0.60 -25.51 -29.42
N PHE D 38 0.36 -24.61 -30.37
CA PHE D 38 0.49 -23.16 -30.18
C PHE D 38 -0.83 -22.46 -30.42
N LYS D 39 -1.28 -21.72 -29.44
CA LYS D 39 -2.44 -20.84 -29.58
C LYS D 39 -1.97 -19.38 -29.49
N TRP D 40 -2.35 -18.55 -30.45
CA TRP D 40 -1.90 -17.16 -30.43
C TRP D 40 -3.04 -16.21 -30.22
N TYR D 41 -2.77 -15.16 -29.43
CA TYR D 41 -3.72 -14.08 -29.22
C TYR D 41 -3.14 -12.70 -29.46
N VAL D 42 -4.00 -11.78 -29.90
CA VAL D 42 -3.64 -10.39 -30.12
C VAL D 42 -4.61 -9.52 -29.32
N ASP D 43 -4.13 -8.91 -28.24
CA ASP D 43 -4.98 -8.16 -27.31
C ASP D 43 -6.16 -9.00 -26.78
N GLY D 44 -5.90 -10.27 -26.52
CA GLY D 44 -6.92 -11.13 -25.95
C GLY D 44 -7.72 -11.98 -26.92
N VAL D 45 -7.64 -11.65 -28.20
CA VAL D 45 -8.46 -12.30 -29.21
C VAL D 45 -7.63 -13.30 -30.02
N GLU D 46 -8.22 -14.44 -30.35
CA GLU D 46 -7.45 -15.53 -30.91
C GLU D 46 -7.31 -15.34 -32.39
N VAL D 47 -6.09 -15.50 -32.90
CA VAL D 47 -5.87 -15.48 -34.33
C VAL D 47 -5.34 -16.85 -34.80
N HIS D 48 -5.24 -17.03 -36.12
CA HIS D 48 -5.06 -18.38 -36.63
C HIS D 48 -4.09 -18.49 -37.78
N ASN D 49 -3.36 -17.42 -38.06
CA ASN D 49 -2.47 -17.40 -39.22
C ASN D 49 -1.02 -17.81 -38.88
N ALA D 50 -0.78 -18.28 -37.65
CA ALA D 50 0.56 -18.71 -37.24
C ALA D 50 0.97 -19.96 -37.98
N LYS D 51 2.27 -20.19 -38.07
CA LYS D 51 2.84 -21.32 -38.78
C LYS D 51 3.96 -21.96 -37.97
N THR D 52 3.86 -23.28 -37.77
CA THR D 52 4.89 -24.01 -37.06
C THR D 52 5.88 -24.56 -38.07
N LYS D 53 7.13 -24.42 -37.73
CA LYS D 53 8.23 -24.81 -38.57
C LYS D 53 8.56 -26.30 -38.34
N PRO D 54 9.35 -26.91 -39.25
CA PRO D 54 9.83 -28.27 -38.99
C PRO D 54 10.71 -28.37 -37.73
N ARG D 55 10.37 -29.27 -36.83
CA ARG D 55 11.12 -29.36 -35.57
C ARG D 55 12.57 -29.78 -35.79
N GLU D 56 13.41 -29.45 -34.82
CA GLU D 56 14.86 -29.61 -34.94
C GLU D 56 15.39 -30.46 -33.76
N GLU D 57 15.79 -31.71 -34.03
CA GLU D 57 16.38 -32.56 -32.99
C GLU D 57 17.76 -32.00 -32.60
N GLN D 58 17.96 -31.83 -31.29
CA GLN D 58 19.22 -31.35 -30.71
C GLN D 58 20.16 -32.52 -30.47
N PHE D 59 21.40 -32.21 -30.09
CA PHE D 59 22.41 -33.23 -29.93
C PHE D 59 22.02 -34.28 -28.91
N ASN D 60 21.34 -33.85 -27.86
CA ASN D 60 20.92 -34.75 -26.78
C ASN D 60 19.54 -35.34 -27.04
N SER D 61 19.12 -35.23 -28.31
CA SER D 61 17.88 -35.80 -28.82
C SER D 61 16.61 -35.14 -28.30
N THR D 62 16.74 -34.05 -27.54
CA THR D 62 15.59 -33.15 -27.34
C THR D 62 15.28 -32.42 -28.65
N PHE D 63 14.07 -31.84 -28.70
CA PHE D 63 13.58 -31.08 -29.86
C PHE D 63 13.42 -29.58 -29.56
N ARG D 64 13.51 -28.79 -30.61
CA ARG D 64 13.32 -27.36 -30.57
C ARG D 64 12.23 -27.01 -31.59
N VAL D 65 11.17 -26.31 -31.14
CA VAL D 65 10.00 -26.04 -31.99
C VAL D 65 9.67 -24.55 -32.06
N VAL D 66 9.52 -24.03 -33.27
CA VAL D 66 9.38 -22.59 -33.49
C VAL D 66 8.04 -22.30 -34.11
N SER D 67 7.36 -21.31 -33.55
CA SER D 67 6.11 -20.81 -34.14
C SER D 67 6.28 -19.35 -34.48
N VAL D 68 5.87 -19.00 -35.70
CA VAL D 68 6.08 -17.67 -36.26
C VAL D 68 4.74 -17.07 -36.74
N LEU D 69 4.42 -15.91 -36.18
CA LEU D 69 3.17 -15.20 -36.42
C LEU D 69 3.41 -13.88 -37.12
N THR D 70 2.96 -13.76 -38.38
CA THR D 70 3.07 -12.48 -39.05
C THR D 70 2.11 -11.53 -38.38
N VAL D 71 2.57 -10.31 -38.13
CA VAL D 71 1.75 -9.27 -37.55
C VAL D 71 1.66 -8.01 -38.42
N LEU D 72 0.63 -7.22 -38.14
CA LEU D 72 0.48 -5.94 -38.83
C LEU D 72 1.40 -4.86 -38.24
N HIS D 73 2.16 -4.16 -39.11
CA HIS D 73 3.03 -3.08 -38.67
C HIS D 73 2.32 -2.21 -37.68
N GLN D 74 1.06 -1.88 -37.96
CA GLN D 74 0.41 -0.79 -37.25
C GLN D 74 -0.04 -1.29 -35.90
N ASP D 75 -0.38 -2.58 -35.83
CA ASP D 75 -0.72 -3.18 -34.55
C ASP D 75 0.48 -3.22 -33.58
N TRP D 76 1.64 -3.67 -34.06
CA TRP D 76 2.83 -3.60 -33.21
C TRP D 76 3.14 -2.13 -32.80
N LEU D 77 3.21 -1.22 -33.76
CA LEU D 77 3.55 0.17 -33.45
C LEU D 77 2.59 0.87 -32.46
N ASN D 78 1.31 0.48 -32.46
CA ASN D 78 0.28 1.05 -31.59
C ASN D 78 0.13 0.31 -30.28
N GLY D 79 1.02 -0.66 -30.01
CA GLY D 79 1.08 -1.25 -28.69
C GLY D 79 0.21 -2.47 -28.40
N LYS D 80 -0.37 -3.12 -29.40
CA LYS D 80 -1.11 -4.33 -29.13
C LYS D 80 -0.22 -5.38 -28.48
N GLU D 81 -0.81 -6.20 -27.59
CA GLU D 81 -0.09 -7.30 -26.93
C GLU D 81 -0.26 -8.67 -27.61
N TYR D 82 0.85 -9.36 -27.84
CA TYR D 82 0.83 -10.65 -28.50
C TYR D 82 1.11 -11.73 -27.47
N LYS D 83 0.14 -12.63 -27.30
CA LYS D 83 0.23 -13.70 -26.30
C LYS D 83 0.36 -15.04 -27.01
N CYS D 84 1.26 -15.92 -26.54
CA CYS D 84 1.45 -17.27 -27.12
C CYS D 84 1.16 -18.26 -26.00
N LYS D 85 0.27 -19.22 -26.25
CA LYS D 85 -0.04 -20.23 -25.26
C LYS D 85 0.48 -21.56 -25.78
N VAL D 86 1.34 -22.19 -24.99
CA VAL D 86 2.05 -23.39 -25.43
C VAL D 86 1.59 -24.62 -24.69
N SER D 87 1.21 -25.64 -25.46
CA SER D 87 0.70 -26.89 -24.90
C SER D 87 1.51 -28.16 -25.26
N ASN D 88 1.73 -29.03 -24.27
CA ASN D 88 2.48 -30.27 -24.47
C ASN D 88 2.15 -31.27 -23.40
N LYS D 89 2.11 -32.54 -23.80
CA LYS D 89 1.91 -33.67 -22.85
C LYS D 89 2.71 -33.50 -21.56
N ALA D 90 4.00 -33.17 -21.68
CA ALA D 90 4.91 -33.11 -20.53
C ALA D 90 4.61 -31.98 -19.58
N LEU D 91 3.69 -31.11 -19.93
CA LEU D 91 3.47 -29.91 -19.12
C LEU D 91 2.36 -30.06 -18.09
N PRO D 92 2.68 -29.71 -16.83
CA PRO D 92 1.62 -29.67 -15.80
C PRO D 92 0.41 -28.90 -16.33
N ALA D 93 0.63 -27.59 -16.53
CA ALA D 93 -0.33 -26.67 -17.13
C ALA D 93 0.34 -26.02 -18.34
N PRO D 94 -0.46 -25.52 -19.29
CA PRO D 94 0.13 -24.87 -20.46
C PRO D 94 0.98 -23.63 -20.09
N ILE D 95 1.93 -23.24 -20.94
CA ILE D 95 2.70 -22.01 -20.68
C ILE D 95 2.30 -20.81 -21.57
N GLU D 96 2.25 -19.65 -20.94
CA GLU D 96 1.92 -18.38 -21.60
C GLU D 96 3.03 -17.36 -21.39
N LYS D 97 3.39 -16.68 -22.48
CA LYS D 97 4.28 -15.54 -22.45
C LYS D 97 3.64 -14.47 -23.35
N THR D 98 3.80 -13.19 -23.00
CA THR D 98 3.24 -12.12 -23.82
C THR D 98 4.33 -11.09 -24.06
N ILE D 99 4.16 -10.35 -25.14
CA ILE D 99 5.16 -9.38 -25.55
C ILE D 99 4.44 -8.21 -26.20
N SER D 100 5.06 -7.04 -26.15
CA SER D 100 4.50 -5.86 -26.79
C SER D 100 5.59 -4.83 -26.87
N LYS D 101 5.39 -3.83 -27.71
CA LYS D 101 6.39 -2.80 -27.94
C LYS D 101 6.66 -1.99 -26.66
N THR D 102 7.89 -1.49 -26.53
CA THR D 102 8.36 -0.83 -25.32
C THR D 102 7.62 0.48 -25.15
N LYS D 103 7.02 0.71 -23.99
CA LYS D 103 6.23 1.92 -23.81
C LYS D 103 7.13 3.11 -23.48
N GLY D 104 6.56 4.32 -23.63
CA GLY D 104 7.28 5.55 -23.36
C GLY D 104 7.21 6.51 -24.51
N GLN D 105 7.27 7.79 -24.17
CA GLN D 105 7.11 8.87 -25.10
C GLN D 105 8.18 8.74 -26.19
N PRO D 106 7.76 8.59 -27.45
CA PRO D 106 8.80 8.51 -28.48
C PRO D 106 9.55 9.81 -28.72
N ARG D 107 10.81 9.67 -29.12
CA ARG D 107 11.70 10.81 -29.34
C ARG D 107 12.48 10.57 -30.63
N GLU D 108 12.48 11.57 -31.49
CA GLU D 108 13.14 11.54 -32.78
C GLU D 108 14.66 11.53 -32.75
N PRO D 109 15.31 10.52 -33.36
CA PRO D 109 16.76 10.55 -33.50
C PRO D 109 17.36 11.75 -34.20
N GLN D 110 18.46 12.29 -33.64
CA GLN D 110 19.29 13.22 -34.37
C GLN D 110 20.41 12.42 -34.98
N VAL D 111 20.76 12.77 -36.20
CA VAL D 111 21.72 12.01 -36.97
C VAL D 111 22.85 12.87 -37.49
N TYR D 112 24.07 12.54 -37.06
CA TYR D 112 25.28 13.26 -37.47
C TYR D 112 26.32 12.34 -38.10
N THR D 113 26.97 12.80 -39.16
CA THR D 113 28.05 12.03 -39.76
C THR D 113 29.34 12.66 -39.37
N LEU D 114 30.36 11.83 -39.18
CA LEU D 114 31.67 12.30 -38.78
C LEU D 114 32.77 11.69 -39.67
N PRO D 115 33.66 12.53 -40.21
CA PRO D 115 34.70 12.01 -41.09
C PRO D 115 35.86 11.34 -40.35
N PRO D 116 36.78 10.67 -41.05
CA PRO D 116 37.91 10.00 -40.38
C PRO D 116 38.74 11.02 -39.65
N SER D 117 39.33 10.63 -38.51
CA SER D 117 40.41 11.42 -37.90
C SER D 117 41.55 11.55 -38.89
N ARG D 118 42.27 12.66 -38.79
CA ARG D 118 43.51 12.82 -39.57
C ARG D 118 44.55 11.74 -39.23
N GLU D 119 44.69 11.37 -37.95
CA GLU D 119 45.65 10.32 -37.60
C GLU D 119 45.24 9.00 -38.25
N GLU D 120 43.96 8.83 -38.61
CA GLU D 120 43.57 7.54 -39.18
C GLU D 120 44.01 7.44 -40.64
N MET D 121 44.33 8.58 -41.26
CA MET D 121 44.63 8.64 -42.69
C MET D 121 46.00 8.09 -43.07
N THR D 122 46.72 7.49 -42.11
CA THR D 122 47.98 6.82 -42.43
C THR D 122 47.74 5.37 -42.82
N LYS D 123 46.50 4.90 -42.70
CA LYS D 123 46.23 3.48 -42.85
C LYS D 123 45.65 3.18 -44.25
N ASN D 124 45.59 1.90 -44.61
CA ASN D 124 45.01 1.50 -45.90
C ASN D 124 43.51 1.72 -45.96
N GLN D 125 42.86 1.63 -44.81
CA GLN D 125 41.39 1.72 -44.73
C GLN D 125 40.99 2.77 -43.72
N VAL D 126 39.92 3.51 -43.98
CA VAL D 126 39.48 4.46 -42.99
C VAL D 126 38.03 4.21 -42.50
N SER D 127 37.67 4.99 -41.48
CA SER D 127 36.49 4.79 -40.65
C SER D 127 35.54 5.99 -40.81
N LEU D 128 34.34 5.71 -41.33
CA LEU D 128 33.30 6.75 -41.47
C LEU D 128 32.29 6.50 -40.39
N THR D 129 32.01 7.53 -39.62
CA THR D 129 31.15 7.40 -38.47
C THR D 129 29.80 8.11 -38.55
N CYS D 130 28.76 7.41 -38.09
CA CYS D 130 27.48 8.01 -37.89
C CYS D 130 27.06 7.90 -36.44
N LEU D 131 26.81 9.05 -35.83
CA LEU D 131 26.27 9.20 -34.49
C LEU D 131 24.76 9.38 -34.60
N VAL D 132 24.00 8.60 -33.85
CA VAL D 132 22.56 8.68 -33.80
C VAL D 132 22.19 8.82 -32.34
N LYS D 133 21.60 9.94 -31.97
CA LYS D 133 21.28 10.16 -30.58
C LYS D 133 19.90 10.78 -30.36
N GLY D 134 19.38 10.56 -29.16
CA GLY D 134 18.19 11.24 -28.66
C GLY D 134 16.93 10.48 -28.95
N PHE D 135 17.03 9.19 -29.25
CA PHE D 135 15.89 8.53 -29.79
C PHE D 135 15.28 7.65 -28.74
N TYR D 136 13.97 7.44 -28.83
CA TYR D 136 13.26 6.56 -27.93
C TYR D 136 12.03 6.04 -28.67
N PRO D 137 11.67 4.77 -28.54
CA PRO D 137 12.32 3.66 -27.84
C PRO D 137 13.58 3.20 -28.57
N SER D 138 14.26 2.17 -28.07
CA SER D 138 15.58 1.80 -28.64
C SER D 138 15.52 1.10 -30.02
N ASP D 139 14.37 0.54 -30.39
CA ASP D 139 14.09 -0.09 -31.70
C ASP D 139 14.53 0.77 -32.87
N ILE D 140 15.57 0.40 -33.57
CA ILE D 140 16.09 1.24 -34.64
C ILE D 140 16.81 0.38 -35.68
N ALA D 141 16.92 0.89 -36.90
CA ALA D 141 17.71 0.20 -37.91
C ALA D 141 18.58 1.15 -38.66
N VAL D 142 19.76 0.67 -39.03
CA VAL D 142 20.76 1.46 -39.70
C VAL D 142 21.46 0.75 -40.86
N GLU D 143 21.56 1.42 -42.02
CA GLU D 143 22.33 0.89 -43.15
C GLU D 143 23.19 1.98 -43.78
N TRP D 144 24.10 1.56 -44.65
CA TRP D 144 24.94 2.49 -45.39
C TRP D 144 24.83 2.15 -46.87
N GLU D 145 24.90 3.19 -47.68
CA GLU D 145 24.95 3.06 -49.11
C GLU D 145 25.90 4.10 -49.68
N SER D 146 26.26 3.92 -50.95
CA SER D 146 27.11 4.86 -51.68
C SER D 146 26.55 5.05 -53.09
N SER D 147 26.06 6.25 -53.36
CA SER D 147 25.30 6.54 -54.58
C SER D 147 24.25 5.43 -54.88
N GLY D 148 23.43 5.10 -53.88
CA GLY D 148 22.35 4.14 -54.00
C GLY D 148 22.70 2.65 -53.92
N GLN D 149 23.99 2.31 -54.02
CA GLN D 149 24.47 0.91 -53.85
C GLN D 149 24.74 0.58 -52.39
N PRO D 150 24.27 -0.58 -51.91
CA PRO D 150 24.50 -0.96 -50.53
C PRO D 150 25.94 -1.19 -50.21
N GLU D 151 26.37 -0.69 -49.06
CA GLU D 151 27.64 -1.09 -48.47
C GLU D 151 27.41 -2.26 -47.52
N ASN D 152 28.45 -3.02 -47.25
CA ASN D 152 28.30 -4.17 -46.34
C ASN D 152 29.31 -4.11 -45.21
N ASN D 153 30.41 -3.38 -45.40
CA ASN D 153 31.48 -3.45 -44.43
C ASN D 153 31.29 -2.42 -43.33
N TYR D 154 30.19 -2.57 -42.59
CA TYR D 154 29.91 -1.65 -41.50
C TYR D 154 29.45 -2.42 -40.29
N ASN D 155 29.66 -1.82 -39.13
CA ASN D 155 29.20 -2.38 -37.89
C ASN D 155 28.51 -1.29 -37.07
N THR D 156 27.33 -1.62 -36.55
CA THR D 156 26.52 -0.68 -35.82
C THR D 156 26.40 -1.15 -34.36
N THR D 157 26.82 -0.33 -33.38
CA THR D 157 26.66 -0.71 -31.97
C THR D 157 25.18 -0.83 -31.57
N PRO D 158 24.84 -1.83 -30.74
CA PRO D 158 23.56 -1.82 -30.03
C PRO D 158 23.22 -0.47 -29.41
N PRO D 159 21.94 -0.11 -29.35
CA PRO D 159 21.65 1.15 -28.66
C PRO D 159 22.14 1.12 -27.21
N MET D 160 22.43 2.29 -26.67
CA MET D 160 22.91 2.45 -25.29
C MET D 160 22.17 3.58 -24.60
N LEU D 161 21.75 3.34 -23.36
CA LEU D 161 21.05 4.38 -22.61
C LEU D 161 21.94 5.57 -22.26
N ASP D 162 21.47 6.76 -22.62
CA ASP D 162 22.17 8.03 -22.39
C ASP D 162 21.67 8.74 -21.11
N SER D 163 22.22 9.91 -20.82
CA SER D 163 22.00 10.51 -19.51
C SER D 163 20.67 11.29 -19.36
N ASP D 164 19.87 11.36 -20.44
CA ASP D 164 18.59 12.02 -20.42
C ASP D 164 17.48 10.99 -20.61
N GLY D 165 17.82 9.71 -20.50
CA GLY D 165 16.85 8.63 -20.71
C GLY D 165 16.43 8.25 -22.14
N SER D 166 16.98 8.93 -23.12
CA SER D 166 17.00 8.47 -24.48
C SER D 166 18.21 7.58 -24.77
N PHE D 167 18.22 7.02 -25.98
CA PHE D 167 19.26 6.08 -26.41
C PHE D 167 20.20 6.69 -27.43
N PHE D 168 21.42 6.16 -27.53
CA PHE D 168 22.30 6.51 -28.60
C PHE D 168 23.02 5.26 -29.14
N LEU D 169 23.56 5.39 -30.35
CA LEU D 169 24.42 4.38 -30.98
C LEU D 169 25.42 5.03 -31.98
N TYR D 170 26.46 4.29 -32.34
CA TYR D 170 27.40 4.66 -33.40
C TYR D 170 27.42 3.56 -34.46
N SER D 171 27.50 3.96 -35.73
CA SER D 171 27.72 3.04 -36.82
C SER D 171 28.99 3.42 -37.58
N LYS D 172 29.86 2.44 -37.79
CA LYS D 172 31.17 2.66 -38.41
C LYS D 172 31.24 1.95 -39.75
N LEU D 173 31.43 2.67 -40.84
CA LEU D 173 31.60 2.06 -42.14
C LEU D 173 33.06 2.11 -42.44
N THR D 174 33.64 0.97 -42.76
CA THR D 174 35.03 0.90 -43.14
C THR D 174 35.15 0.98 -44.66
N VAL D 175 36.01 1.86 -45.15
CA VAL D 175 36.22 2.01 -46.58
C VAL D 175 37.70 2.20 -46.90
N ASP D 176 38.08 1.75 -48.10
CA ASP D 176 39.42 1.99 -48.65
C ASP D 176 39.76 3.46 -48.62
N LYS D 177 40.94 3.81 -48.13
CA LYS D 177 41.31 5.23 -48.04
C LYS D 177 41.27 5.89 -49.42
N SER D 178 41.46 5.08 -50.46
CA SER D 178 41.48 5.58 -51.84
C SER D 178 40.12 6.19 -52.21
N ARG D 179 39.05 5.40 -52.08
CA ARG D 179 37.66 5.87 -52.25
C ARG D 179 37.36 7.14 -51.43
N TRP D 180 37.88 7.24 -50.22
CA TRP D 180 37.58 8.44 -49.46
C TRP D 180 38.28 9.61 -50.07
N GLN D 181 39.57 9.46 -50.29
CA GLN D 181 40.39 10.60 -50.75
C GLN D 181 39.99 11.12 -52.13
N GLN D 182 39.49 10.27 -53.00
CA GLN D 182 39.01 10.73 -54.31
C GLN D 182 37.52 11.14 -54.28
N GLY D 183 37.04 11.55 -53.12
CA GLY D 183 35.77 12.26 -52.97
C GLY D 183 34.47 11.50 -53.15
N ASN D 184 34.47 10.17 -53.10
CA ASN D 184 33.22 9.42 -53.20
C ASN D 184 32.25 9.77 -52.05
N ILE D 185 30.94 9.70 -52.34
CA ILE D 185 29.89 10.14 -51.44
C ILE D 185 29.34 8.95 -50.70
N PHE D 186 29.38 9.03 -49.39
CA PHE D 186 28.76 7.99 -48.57
C PHE D 186 27.59 8.51 -47.80
N SER D 187 26.65 7.62 -47.62
CA SER D 187 25.43 7.97 -46.96
C SER D 187 25.00 6.91 -45.91
N CYS D 188 24.63 7.36 -44.69
CA CYS D 188 24.06 6.48 -43.66
C CYS D 188 22.57 6.77 -43.55
N SER D 189 21.73 5.74 -43.60
CA SER D 189 20.32 5.97 -43.44
C SER D 189 19.79 5.25 -42.23
N VAL D 190 18.87 5.91 -41.54
CA VAL D 190 18.44 5.49 -40.23
C VAL D 190 16.95 5.32 -40.23
N MET D 191 16.47 4.21 -39.69
CA MET D 191 15.05 3.95 -39.65
C MET D 191 14.52 3.85 -38.23
N HIS D 192 13.51 4.68 -37.95
CA HIS D 192 12.92 4.79 -36.63
C HIS D 192 11.48 5.32 -36.63
N GLU D 193 10.71 4.92 -35.64
CA GLU D 193 9.29 5.23 -35.65
C GLU D 193 8.96 6.74 -35.59
N ALA D 194 9.91 7.53 -35.06
CA ALA D 194 9.70 8.92 -34.74
C ALA D 194 10.27 9.82 -35.78
N LEU D 195 10.73 9.26 -36.87
CA LEU D 195 11.15 10.07 -38.00
C LEU D 195 10.03 10.17 -39.05
N HIS D 196 9.86 11.33 -39.68
CA HIS D 196 8.94 11.40 -40.82
C HIS D 196 9.28 10.30 -41.84
N ASN D 197 8.26 9.59 -42.31
CA ASN D 197 8.39 8.42 -43.18
C ASN D 197 9.17 7.22 -42.57
N HIS D 198 9.46 7.24 -41.25
CA HIS D 198 10.28 6.20 -40.61
C HIS D 198 11.71 6.11 -41.15
N TYR D 199 12.17 7.12 -41.88
CA TYR D 199 13.59 7.18 -42.23
C TYR D 199 14.14 8.54 -42.56
N THR D 200 15.45 8.65 -42.38
CA THR D 200 16.18 9.81 -42.84
C THR D 200 17.55 9.32 -43.35
N GLN D 201 18.30 10.14 -44.05
CA GLN D 201 19.61 9.70 -44.50
C GLN D 201 20.50 10.90 -44.54
N LYS D 202 21.75 10.69 -44.14
CA LYS D 202 22.72 11.79 -44.00
C LYS D 202 24.00 11.43 -44.76
N SER D 203 24.56 12.39 -45.43
CA SER D 203 25.65 12.09 -46.33
C SER D 203 26.97 12.62 -45.80
N LEU D 204 28.04 11.97 -46.27
CA LEU D 204 29.40 12.26 -45.84
C LEU D 204 30.34 12.21 -47.06
N SER D 205 31.21 13.19 -47.22
CA SER D 205 32.24 13.11 -48.25
C SER D 205 33.38 14.07 -47.96
N LEU D 206 34.45 13.87 -48.70
CA LEU D 206 35.61 14.75 -48.61
C LEU D 206 35.40 16.09 -49.32
N SER D 207 35.70 17.15 -48.60
CA SER D 207 35.46 18.53 -49.02
C SER D 207 36.71 19.24 -49.57
N PRO E 1 -24.79 20.33 0.78
CA PRO E 1 -23.88 19.81 -0.27
C PRO E 1 -22.41 19.97 0.18
N SER E 2 -21.73 18.86 0.48
CA SER E 2 -20.48 18.84 1.27
C SER E 2 -19.29 17.96 0.75
N VAL E 3 -18.03 18.38 1.02
CA VAL E 3 -16.84 17.73 0.43
C VAL E 3 -15.87 17.01 1.40
N PHE E 4 -15.37 15.87 0.93
CA PHE E 4 -14.28 15.12 1.57
C PHE E 4 -13.09 14.89 0.61
N LEU E 5 -11.85 14.94 1.15
CA LEU E 5 -10.63 14.73 0.39
C LEU E 5 -9.76 13.66 1.06
N PHE E 6 -9.38 12.60 0.33
CA PHE E 6 -8.61 11.48 0.94
C PHE E 6 -7.18 11.39 0.38
N PRO E 7 -6.23 10.93 1.21
CA PRO E 7 -4.85 10.77 0.74
C PRO E 7 -4.67 9.45 0.02
N PRO E 8 -3.52 9.23 -0.64
CA PRO E 8 -3.16 7.95 -1.24
C PRO E 8 -2.99 6.88 -0.20
N LYS E 9 -3.13 5.61 -0.59
CA LYS E 9 -2.76 4.55 0.28
C LYS E 9 -1.29 4.66 0.53
N PRO E 10 -0.85 4.31 1.73
CA PRO E 10 0.59 4.37 2.00
C PRO E 10 1.47 3.51 1.08
N LYS E 11 1.08 2.28 0.80
CA LYS E 11 1.90 1.44 -0.07
C LYS E 11 2.06 2.05 -1.48
N ASP E 12 0.96 2.47 -2.06
CA ASP E 12 0.97 3.07 -3.39
C ASP E 12 1.98 4.19 -3.53
N THR E 13 2.21 4.91 -2.44
CA THR E 13 3.03 6.12 -2.51
C THR E 13 4.51 5.74 -2.39
N LEU E 14 4.75 4.52 -1.94
CA LEU E 14 6.08 4.05 -1.62
C LEU E 14 6.66 3.18 -2.70
N MET E 15 5.83 2.30 -3.30
CA MET E 15 6.28 1.33 -4.31
C MET E 15 6.10 1.83 -5.75
N ILE E 16 7.17 1.73 -6.56
CA ILE E 16 7.10 2.19 -7.93
C ILE E 16 6.16 1.34 -8.80
N SER E 17 5.92 0.12 -8.39
CA SER E 17 4.94 -0.76 -9.04
C SER E 17 3.49 -0.29 -8.88
N ARG E 18 3.25 0.67 -8.01
CA ARG E 18 1.88 1.08 -7.72
C ARG E 18 1.70 2.50 -8.20
N THR E 19 0.46 2.92 -8.37
CA THR E 19 0.18 4.30 -8.75
C THR E 19 -0.68 5.00 -7.67
N PRO E 20 -0.09 5.95 -6.93
CA PRO E 20 -0.76 6.64 -5.84
C PRO E 20 -1.80 7.65 -6.34
N GLU E 21 -2.91 7.78 -5.63
CA GLU E 21 -3.89 8.76 -6.04
C GLU E 21 -4.62 9.42 -4.87
N VAL E 22 -5.00 10.67 -5.11
CA VAL E 22 -5.78 11.48 -4.20
C VAL E 22 -7.26 11.51 -4.64
N THR E 23 -8.19 11.28 -3.70
CA THR E 23 -9.63 11.17 -3.98
C THR E 23 -10.52 12.26 -3.36
N CYS E 24 -11.31 12.91 -4.20
CA CYS E 24 -12.24 13.97 -3.79
C CYS E 24 -13.67 13.51 -3.90
N VAL E 25 -14.27 13.29 -2.76
CA VAL E 25 -15.63 12.78 -2.63
C VAL E 25 -16.59 13.90 -2.30
N VAL E 26 -17.61 14.07 -3.10
CA VAL E 26 -18.64 15.01 -2.73
C VAL E 26 -20.01 14.30 -2.70
N VAL E 27 -20.70 14.55 -1.59
CA VAL E 27 -21.96 13.90 -1.27
C VAL E 27 -23.08 14.93 -1.00
N ASP E 28 -24.32 14.44 -1.13
CA ASP E 28 -25.55 15.27 -1.04
C ASP E 28 -25.65 16.36 -2.13
N VAL E 29 -25.51 15.90 -3.38
CA VAL E 29 -25.78 16.71 -4.56
C VAL E 29 -27.26 16.51 -4.89
N SER E 30 -28.01 17.60 -5.01
CA SER E 30 -29.45 17.52 -5.30
C SER E 30 -29.67 16.95 -6.70
N HIS E 31 -30.65 16.06 -6.81
CA HIS E 31 -31.14 15.58 -8.11
C HIS E 31 -31.56 16.76 -8.98
N GLU E 32 -32.13 17.77 -8.33
CA GLU E 32 -32.45 19.03 -9.00
C GLU E 32 -31.28 19.49 -9.87
N ASP E 33 -30.09 19.61 -9.23
CA ASP E 33 -28.86 20.08 -9.90
C ASP E 33 -27.75 19.02 -9.80
N PRO E 34 -27.65 18.17 -10.82
CA PRO E 34 -26.81 16.97 -10.73
C PRO E 34 -25.38 17.19 -11.20
N GLU E 35 -25.14 18.37 -11.78
CA GLU E 35 -23.85 18.73 -12.36
C GLU E 35 -22.79 18.96 -11.26
N VAL E 36 -21.54 18.52 -11.47
CA VAL E 36 -20.42 18.94 -10.61
C VAL E 36 -19.10 19.16 -11.32
N GLN E 37 -18.43 20.23 -10.93
CA GLN E 37 -17.17 20.59 -11.56
C GLN E 37 -15.98 20.46 -10.61
N PHE E 38 -14.95 19.81 -11.12
CA PHE E 38 -13.76 19.51 -10.33
C PHE E 38 -12.57 20.23 -10.90
N LYS E 39 -12.04 21.14 -10.10
CA LYS E 39 -10.80 21.85 -10.44
C LYS E 39 -9.76 21.47 -9.37
N TRP E 40 -8.61 20.98 -9.85
CA TRP E 40 -7.56 20.44 -8.96
C TRP E 40 -6.27 21.25 -9.05
N TYR E 41 -5.61 21.44 -7.90
CA TYR E 41 -4.34 22.17 -7.87
C TYR E 41 -3.18 21.48 -7.11
N VAL E 42 -1.97 21.64 -7.62
CA VAL E 42 -0.77 21.10 -6.95
C VAL E 42 0.20 22.25 -6.58
N ASP E 43 0.50 22.39 -5.29
CA ASP E 43 1.22 23.58 -4.74
C ASP E 43 0.73 24.86 -5.40
N GLY E 44 -0.58 24.97 -5.55
CA GLY E 44 -1.16 26.17 -6.11
C GLY E 44 -1.49 26.13 -7.60
N VAL E 45 -0.89 25.20 -8.33
CA VAL E 45 -0.97 25.18 -9.80
C VAL E 45 -2.04 24.26 -10.37
N GLU E 46 -2.75 24.69 -11.41
CA GLU E 46 -3.82 23.87 -11.99
C GLU E 46 -3.31 22.68 -12.81
N VAL E 47 -3.97 21.54 -12.64
CA VAL E 47 -3.69 20.33 -13.41
C VAL E 47 -4.99 19.84 -14.06
N HIS E 48 -4.87 18.98 -15.07
CA HIS E 48 -6.04 18.57 -15.86
C HIS E 48 -6.18 17.08 -16.06
N ASN E 49 -5.53 16.29 -15.21
CA ASN E 49 -5.58 14.85 -15.36
C ASN E 49 -6.51 14.10 -14.37
N ALA E 50 -7.25 14.81 -13.51
CA ALA E 50 -8.23 14.06 -12.70
C ALA E 50 -9.24 13.50 -13.66
N LYS E 51 -9.92 12.46 -13.23
CA LYS E 51 -11.09 12.05 -13.98
C LYS E 51 -12.23 11.65 -13.04
N THR E 52 -13.41 12.14 -13.38
CA THR E 52 -14.61 11.92 -12.58
C THR E 52 -15.23 10.60 -12.90
N LYS E 53 -15.47 9.85 -11.85
CA LYS E 53 -16.15 8.59 -11.95
C LYS E 53 -17.65 8.85 -12.24
N PRO E 54 -18.38 7.79 -12.57
CA PRO E 54 -19.78 8.02 -12.94
C PRO E 54 -20.66 8.14 -11.69
N ARG E 55 -21.46 9.20 -11.61
CA ARG E 55 -22.27 9.52 -10.41
C ARG E 55 -23.16 8.38 -9.89
N GLU E 56 -23.22 8.24 -8.56
CA GLU E 56 -23.95 7.14 -7.92
C GLU E 56 -25.17 7.67 -7.13
N GLU E 57 -26.37 7.24 -7.54
CA GLU E 57 -27.59 7.79 -6.97
C GLU E 57 -27.86 7.16 -5.58
N GLN E 58 -28.12 8.02 -4.60
CA GLN E 58 -28.41 7.61 -3.22
C GLN E 58 -29.91 7.32 -3.05
N PHE E 59 -30.22 6.50 -2.03
CA PHE E 59 -31.59 6.16 -1.69
C PHE E 59 -32.57 7.36 -1.63
N ASN E 60 -32.11 8.50 -1.13
CA ASN E 60 -32.96 9.72 -1.07
C ASN E 60 -32.84 10.59 -2.34
N SER E 61 -32.25 9.98 -3.37
CA SER E 61 -32.10 10.58 -4.71
C SER E 61 -31.14 11.78 -4.76
N THR E 62 -30.40 12.02 -3.67
CA THR E 62 -29.15 12.80 -3.72
C THR E 62 -28.11 12.00 -4.53
N PHE E 63 -27.07 12.69 -5.01
CA PHE E 63 -25.96 12.01 -5.70
C PHE E 63 -24.66 12.02 -4.91
N ARG E 64 -23.76 11.16 -5.40
CA ARG E 64 -22.43 10.99 -4.86
C ARG E 64 -21.48 10.97 -6.06
N VAL E 65 -20.59 11.97 -6.15
CA VAL E 65 -19.63 11.98 -7.25
C VAL E 65 -18.19 12.10 -6.74
N VAL E 66 -17.35 11.25 -7.32
CA VAL E 66 -15.95 11.16 -6.95
C VAL E 66 -15.06 11.49 -8.13
N SER E 67 -14.04 12.29 -7.81
CA SER E 67 -12.96 12.63 -8.70
C SER E 67 -11.67 12.07 -8.12
N VAL E 68 -10.83 11.57 -9.01
CA VAL E 68 -9.64 10.84 -8.63
C VAL E 68 -8.45 11.41 -9.41
N LEU E 69 -7.43 11.85 -8.69
CA LEU E 69 -6.24 12.46 -9.30
C LEU E 69 -5.02 11.58 -9.08
N THR E 70 -4.42 11.12 -10.17
CA THR E 70 -3.13 10.43 -10.02
C THR E 70 -2.09 11.47 -9.68
N VAL E 71 -1.27 11.10 -8.72
CA VAL E 71 -0.19 11.95 -8.31
C VAL E 71 1.12 11.18 -8.40
N LEU E 72 2.22 11.91 -8.48
CA LEU E 72 3.54 11.31 -8.48
C LEU E 72 4.02 10.97 -7.07
N HIS E 73 4.64 9.79 -6.92
CA HIS E 73 5.11 9.36 -5.60
C HIS E 73 5.93 10.46 -5.00
N GLN E 74 6.88 11.00 -5.78
CA GLN E 74 7.85 11.93 -5.25
C GLN E 74 7.16 13.26 -4.87
N ASP E 75 6.20 13.78 -5.65
CA ASP E 75 5.50 15.02 -5.26
C ASP E 75 4.84 14.87 -3.87
N TRP E 76 4.21 13.73 -3.61
CA TRP E 76 3.53 13.53 -2.33
C TRP E 76 4.51 13.43 -1.16
N LEU E 77 5.64 12.75 -1.40
CA LEU E 77 6.66 12.53 -0.40
C LEU E 77 7.48 13.82 -0.10
N ASN E 78 7.63 14.72 -1.07
CA ASN E 78 8.14 16.08 -0.89
C ASN E 78 7.14 17.14 -0.35
N GLY E 79 5.96 16.69 0.08
CA GLY E 79 5.03 17.52 0.86
C GLY E 79 4.24 18.48 0.03
N LYS E 80 4.14 18.22 -1.26
CA LYS E 80 3.31 19.09 -2.07
C LYS E 80 1.83 19.04 -1.66
N GLU E 81 1.13 20.12 -2.00
CA GLU E 81 -0.21 20.37 -1.49
C GLU E 81 -1.21 20.11 -2.55
N TYR E 82 -2.21 19.29 -2.21
CA TYR E 82 -3.29 19.01 -3.15
C TYR E 82 -4.58 19.70 -2.74
N LYS E 83 -5.14 20.46 -3.68
CA LYS E 83 -6.35 21.23 -3.44
C LYS E 83 -7.40 20.87 -4.50
N CYS E 84 -8.60 20.51 -4.03
CA CYS E 84 -9.78 20.27 -4.87
C CYS E 84 -10.74 21.44 -4.67
N LYS E 85 -11.14 22.10 -5.75
CA LYS E 85 -12.19 23.11 -5.70
C LYS E 85 -13.47 22.56 -6.33
N VAL E 86 -14.51 22.40 -5.51
CA VAL E 86 -15.79 21.85 -5.97
C VAL E 86 -16.81 22.96 -6.30
N SER E 87 -17.30 22.94 -7.53
CA SER E 87 -18.33 23.88 -7.97
C SER E 87 -19.65 23.18 -8.28
N ASN E 88 -20.74 23.61 -7.64
CA ASN E 88 -22.10 23.27 -8.10
C ASN E 88 -23.05 24.47 -8.11
N LYS E 89 -24.10 24.36 -8.94
CA LYS E 89 -25.17 25.37 -9.04
C LYS E 89 -25.99 25.55 -7.74
N ALA E 90 -26.11 24.46 -6.95
CA ALA E 90 -26.71 24.52 -5.60
C ALA E 90 -25.89 25.35 -4.62
N LEU E 91 -24.56 25.33 -4.79
CA LEU E 91 -23.65 25.93 -3.83
C LEU E 91 -23.55 27.43 -4.03
N PRO E 92 -23.50 28.20 -2.92
CA PRO E 92 -23.25 29.65 -3.10
C PRO E 92 -22.04 29.86 -4.02
N ALA E 93 -20.86 29.55 -3.47
CA ALA E 93 -19.62 29.62 -4.21
C ALA E 93 -18.81 28.32 -3.98
N PRO E 94 -17.78 28.10 -4.81
CA PRO E 94 -17.04 26.82 -4.72
C PRO E 94 -16.41 26.59 -3.36
N ILE E 95 -16.42 25.33 -2.92
CA ILE E 95 -15.67 24.88 -1.73
C ILE E 95 -14.27 24.39 -2.12
N GLU E 96 -13.29 24.70 -1.27
CA GLU E 96 -11.93 24.21 -1.40
C GLU E 96 -11.59 23.32 -0.24
N LYS E 97 -11.10 22.12 -0.54
CA LYS E 97 -10.43 21.33 0.47
C LYS E 97 -8.98 21.15 -0.02
N THR E 98 -8.09 20.89 0.93
CA THR E 98 -6.67 20.92 0.69
C THR E 98 -6.14 19.74 1.49
N ILE E 99 -5.02 19.15 1.09
CA ILE E 99 -4.44 17.97 1.79
C ILE E 99 -2.95 17.77 1.39
N SER E 100 -2.20 17.11 2.24
CA SER E 100 -0.77 16.96 1.99
C SER E 100 -0.27 15.97 2.97
N LYS E 101 0.93 15.44 2.74
CA LYS E 101 1.45 14.41 3.63
C LYS E 101 1.64 14.98 5.04
N THR E 102 1.56 14.10 6.02
CA THR E 102 1.83 14.44 7.40
C THR E 102 3.31 14.74 7.63
N LYS E 103 3.57 15.99 8.01
CA LYS E 103 4.92 16.46 8.26
C LYS E 103 5.57 15.80 9.49
N GLY E 104 6.88 15.89 9.62
CA GLY E 104 7.56 15.38 10.80
C GLY E 104 8.81 14.55 10.48
N GLN E 105 9.66 14.31 11.48
CA GLN E 105 10.96 13.66 11.28
C GLN E 105 10.77 12.17 11.12
N PRO E 106 11.11 11.64 9.94
CA PRO E 106 10.89 10.20 9.88
C PRO E 106 11.82 9.43 10.79
N ARG E 107 11.25 8.39 11.37
CA ARG E 107 11.96 7.48 12.21
C ARG E 107 11.72 6.11 11.61
N GLU E 108 12.81 5.35 11.45
CA GLU E 108 12.78 3.98 10.92
C GLU E 108 12.00 3.02 11.83
N PRO E 109 11.09 2.21 11.28
CA PRO E 109 10.54 1.16 12.13
C PRO E 109 11.54 0.09 12.48
N GLN E 110 11.46 -0.39 13.72
CA GLN E 110 12.07 -1.64 14.09
C GLN E 110 11.04 -2.72 13.87
N VAL E 111 11.49 -3.87 13.39
CA VAL E 111 10.60 -4.96 12.98
C VAL E 111 11.06 -6.28 13.58
N TYR E 112 10.20 -6.89 14.40
CA TYR E 112 10.50 -8.12 15.11
C TYR E 112 9.41 -9.13 14.81
N THR E 113 9.77 -10.40 14.69
CA THR E 113 8.80 -11.43 14.49
C THR E 113 8.80 -12.21 15.75
N LEU E 114 7.63 -12.70 16.15
CA LEU E 114 7.47 -13.43 17.38
C LEU E 114 6.70 -14.69 17.02
N PRO E 115 7.21 -15.86 17.42
CA PRO E 115 6.50 -17.08 17.08
C PRO E 115 5.33 -17.35 18.03
N PRO E 116 4.53 -18.38 17.76
CA PRO E 116 3.37 -18.59 18.62
C PRO E 116 3.81 -18.98 20.03
N SER E 117 2.99 -18.69 21.04
CA SER E 117 3.18 -19.22 22.38
C SER E 117 2.94 -20.71 22.37
N ARG E 118 3.59 -21.41 23.29
CA ARG E 118 3.42 -22.88 23.41
C ARG E 118 1.98 -23.24 23.75
N GLU E 119 1.39 -22.46 24.65
CA GLU E 119 0.00 -22.63 25.07
C GLU E 119 -0.97 -22.75 23.88
N GLU E 120 -0.64 -22.05 22.78
CA GLU E 120 -1.49 -22.05 21.56
C GLU E 120 -1.29 -23.28 20.67
N MET E 121 -0.26 -24.10 20.95
CA MET E 121 0.03 -25.27 20.12
C MET E 121 -0.98 -26.40 20.29
N THR E 122 -1.80 -26.31 21.33
CA THR E 122 -2.88 -27.27 21.53
C THR E 122 -4.01 -27.01 20.55
N LYS E 123 -4.02 -25.81 19.95
CA LYS E 123 -5.02 -25.38 18.95
C LYS E 123 -4.61 -25.70 17.52
N ASN E 124 -5.57 -25.87 16.63
CA ASN E 124 -5.26 -26.28 15.26
C ASN E 124 -4.81 -25.17 14.35
N GLN E 125 -5.07 -23.93 14.73
CA GLN E 125 -4.48 -22.78 14.07
C GLN E 125 -3.64 -22.05 15.06
N VAL E 126 -2.52 -21.49 14.63
CA VAL E 126 -1.65 -20.75 15.52
C VAL E 126 -1.36 -19.37 14.94
N SER E 127 -0.74 -18.51 15.76
CA SER E 127 -0.61 -17.09 15.42
C SER E 127 0.88 -16.71 15.30
N LEU E 128 1.22 -16.00 14.22
CA LEU E 128 2.57 -15.52 13.98
C LEU E 128 2.54 -14.02 14.10
N THR E 129 3.37 -13.46 14.98
CA THR E 129 3.20 -12.05 15.29
C THR E 129 4.35 -11.21 14.78
N CYS E 130 4.03 -10.04 14.26
CA CYS E 130 5.04 -9.13 13.84
C CYS E 130 4.81 -7.83 14.57
N LEU E 131 5.76 -7.49 15.42
CA LEU E 131 5.75 -6.24 16.10
C LEU E 131 6.50 -5.21 15.30
N VAL E 132 5.91 -4.05 15.15
CA VAL E 132 6.55 -2.99 14.43
C VAL E 132 6.43 -1.73 15.28
N LYS E 133 7.58 -1.18 15.67
CA LYS E 133 7.59 -0.04 16.56
C LYS E 133 8.65 0.98 16.21
N GLY E 134 8.44 2.19 16.67
CA GLY E 134 9.47 3.19 16.59
C GLY E 134 9.33 4.10 15.40
N PHE E 135 8.19 4.04 14.70
CA PHE E 135 8.10 4.72 13.40
C PHE E 135 7.30 6.02 13.43
N TYR E 136 7.68 6.93 12.55
CA TYR E 136 7.00 8.21 12.37
C TYR E 136 7.23 8.66 10.92
N PRO E 137 6.21 9.14 10.22
CA PRO E 137 4.80 9.22 10.63
C PRO E 137 4.14 7.85 10.64
N SER E 138 2.82 7.83 10.75
CA SER E 138 2.09 6.61 10.99
C SER E 138 1.76 5.83 9.71
N ASP E 139 1.77 6.53 8.56
CA ASP E 139 1.58 5.92 7.22
C ASP E 139 2.51 4.75 6.96
N ILE E 140 1.96 3.56 6.84
CA ILE E 140 2.73 2.32 6.84
C ILE E 140 1.86 1.22 6.21
N ALA E 141 2.48 0.16 5.71
CA ALA E 141 1.76 -0.94 5.10
C ALA E 141 2.48 -2.22 5.44
N VAL E 142 1.74 -3.28 5.68
CA VAL E 142 2.32 -4.51 6.15
C VAL E 142 1.70 -5.63 5.37
N GLU E 143 2.48 -6.64 5.02
CA GLU E 143 1.97 -7.81 4.27
C GLU E 143 2.73 -9.04 4.71
N TRP E 144 2.30 -10.19 4.26
CA TRP E 144 2.88 -11.49 4.68
C TRP E 144 3.03 -12.39 3.44
N GLU E 145 4.08 -13.21 3.43
CA GLU E 145 4.44 -14.05 2.31
C GLU E 145 4.93 -15.36 2.90
N SER E 146 4.69 -16.44 2.17
CA SER E 146 5.39 -17.70 2.36
C SER E 146 6.16 -18.02 1.09
N SER E 147 7.47 -17.78 1.12
CA SER E 147 8.38 -18.04 -0.01
C SER E 147 7.89 -17.30 -1.23
N GLY E 148 7.71 -15.99 -1.12
CA GLY E 148 7.18 -15.20 -2.22
C GLY E 148 5.67 -15.33 -2.47
N GLN E 149 5.06 -16.44 -2.06
CA GLN E 149 3.61 -16.60 -2.25
C GLN E 149 2.82 -15.79 -1.24
N PRO E 150 1.97 -14.84 -1.69
CA PRO E 150 1.18 -14.07 -0.73
C PRO E 150 0.33 -14.90 0.21
N GLU E 151 0.26 -14.45 1.46
CA GLU E 151 -0.68 -14.99 2.45
C GLU E 151 -1.86 -14.05 2.51
N ASN E 152 -3.00 -14.55 2.97
CA ASN E 152 -4.19 -13.70 3.04
C ASN E 152 -4.76 -13.59 4.44
N ASN E 153 -4.50 -14.57 5.28
CA ASN E 153 -5.22 -14.61 6.52
C ASN E 153 -4.45 -13.94 7.64
N TYR E 154 -4.41 -12.63 7.56
CA TYR E 154 -3.67 -11.86 8.51
C TYR E 154 -4.41 -10.54 8.79
N ASN E 155 -4.23 -10.03 9.98
CA ASN E 155 -4.85 -8.79 10.35
C ASN E 155 -3.83 -7.86 10.97
N THR E 156 -3.86 -6.57 10.64
CA THR E 156 -2.84 -5.65 11.10
C THR E 156 -3.55 -4.50 11.82
N THR E 157 -3.11 -4.19 13.04
CA THR E 157 -3.75 -3.16 13.81
C THR E 157 -3.40 -1.81 13.24
N PRO E 158 -4.36 -0.87 13.29
CA PRO E 158 -3.97 0.51 13.01
C PRO E 158 -2.85 0.98 13.93
N PRO E 159 -1.93 1.78 13.41
CA PRO E 159 -0.86 2.29 14.28
C PRO E 159 -1.38 3.00 15.55
N MET E 160 -0.71 2.76 16.65
CA MET E 160 -1.12 3.36 17.91
C MET E 160 0.02 4.24 18.41
N LEU E 161 -0.31 5.43 18.93
CA LEU E 161 0.70 6.29 19.52
C LEU E 161 1.27 5.63 20.76
N ASP E 162 2.60 5.54 20.76
CA ASP E 162 3.35 4.91 21.84
C ASP E 162 3.68 5.95 22.92
N SER E 163 4.38 5.50 23.95
CA SER E 163 4.58 6.37 25.11
C SER E 163 5.68 7.40 24.83
N ASP E 164 6.53 7.14 23.82
CA ASP E 164 7.59 8.07 23.41
C ASP E 164 7.31 8.99 22.23
N GLY E 165 6.05 9.00 21.76
CA GLY E 165 5.63 9.91 20.71
C GLY E 165 5.71 9.30 19.33
N SER E 166 6.27 8.09 19.25
CA SER E 166 6.29 7.32 18.00
C SER E 166 5.08 6.35 17.90
N PHE E 167 5.04 5.56 16.82
CA PHE E 167 3.93 4.64 16.59
C PHE E 167 4.35 3.20 16.68
N PHE E 168 3.42 2.36 17.06
CA PHE E 168 3.67 0.95 16.98
C PHE E 168 2.38 0.29 16.53
N LEU E 169 2.54 -0.93 16.06
CA LEU E 169 1.44 -1.76 15.63
C LEU E 169 1.90 -3.20 15.69
N TYR E 170 0.93 -4.10 15.65
CA TYR E 170 1.16 -5.53 15.58
C TYR E 170 0.48 -6.09 14.32
N SER E 171 0.96 -7.20 13.80
CA SER E 171 0.29 -7.86 12.69
C SER E 171 0.30 -9.32 12.98
N LYS E 172 -0.84 -9.99 12.76
CA LYS E 172 -1.01 -11.38 13.15
C LYS E 172 -1.41 -12.11 11.92
N LEU E 173 -0.75 -13.25 11.67
CA LEU E 173 -0.99 -14.11 10.51
C LEU E 173 -1.37 -15.43 11.05
N THR E 174 -2.51 -15.91 10.60
CA THR E 174 -3.04 -17.11 11.12
C THR E 174 -2.70 -18.20 10.16
N VAL E 175 -2.15 -19.27 10.70
CA VAL E 175 -1.70 -20.34 9.85
C VAL E 175 -1.99 -21.65 10.55
N ASP E 176 -2.27 -22.68 9.74
CA ASP E 176 -2.54 -24.03 10.29
C ASP E 176 -1.36 -24.57 11.07
N LYS E 177 -1.65 -25.19 12.20
CA LYS E 177 -0.61 -25.74 13.07
C LYS E 177 0.37 -26.62 12.28
N SER E 178 -0.14 -27.42 11.36
CA SER E 178 0.70 -28.37 10.66
C SER E 178 1.77 -27.67 9.78
N ARG E 179 1.42 -26.53 9.21
CA ARG E 179 2.33 -25.90 8.25
C ARG E 179 3.46 -25.32 9.03
N TRP E 180 3.17 -24.71 10.18
CA TRP E 180 4.23 -24.17 11.03
C TRP E 180 5.14 -25.30 11.55
N GLN E 181 4.56 -26.45 11.90
CA GLN E 181 5.30 -27.56 12.52
C GLN E 181 6.24 -28.25 11.55
N GLN E 182 5.86 -28.24 10.27
CA GLN E 182 6.71 -28.81 9.22
C GLN E 182 7.92 -27.92 8.91
N GLY E 183 7.93 -26.72 9.46
CA GLY E 183 9.06 -25.83 9.25
C GLY E 183 8.93 -24.99 8.00
N ASN E 184 7.71 -24.81 7.49
CA ASN E 184 7.46 -23.81 6.46
C ASN E 184 7.89 -22.43 6.94
N ILE E 185 8.41 -21.63 6.00
CA ILE E 185 8.96 -20.32 6.32
C ILE E 185 8.02 -19.17 5.97
N PHE E 186 7.93 -18.18 6.85
CA PHE E 186 6.94 -17.14 6.69
C PHE E 186 7.68 -15.88 6.83
N SER E 187 7.16 -14.86 6.21
CA SER E 187 7.86 -13.65 6.16
C SER E 187 6.86 -12.53 6.21
N CYS E 188 7.20 -11.49 6.97
CA CYS E 188 6.36 -10.32 7.04
C CYS E 188 7.13 -9.18 6.43
N SER E 189 6.51 -8.34 5.60
CA SER E 189 7.25 -7.18 5.10
C SER E 189 6.47 -5.90 5.24
N VAL E 190 7.26 -4.86 5.52
CA VAL E 190 6.78 -3.61 6.02
C VAL E 190 7.23 -2.53 5.12
N MET E 191 6.36 -1.58 4.81
CA MET E 191 6.77 -0.48 3.98
C MET E 191 6.50 0.84 4.65
N HIS E 192 7.56 1.65 4.65
CA HIS E 192 7.59 2.94 5.33
C HIS E 192 8.66 3.82 4.68
N GLU E 193 8.39 5.11 4.53
CA GLU E 193 9.36 6.05 3.91
C GLU E 193 10.78 6.05 4.51
N ALA E 194 10.90 5.74 5.80
CA ALA E 194 12.17 5.88 6.52
C ALA E 194 13.01 4.61 6.44
N LEU E 195 12.43 3.54 5.89
CA LEU E 195 13.21 2.33 5.59
C LEU E 195 13.99 2.48 4.28
N HIS E 196 15.22 1.98 4.23
CA HIS E 196 15.95 1.83 2.96
C HIS E 196 15.12 1.04 1.89
N ASN E 197 14.96 1.59 0.68
CA ASN E 197 14.20 0.99 -0.43
C ASN E 197 12.68 1.06 -0.14
N HIS E 198 12.34 1.68 0.97
CA HIS E 198 10.97 1.75 1.51
C HIS E 198 10.50 0.42 1.98
N TYR E 199 11.39 -0.53 2.23
CA TYR E 199 10.90 -1.79 2.76
C TYR E 199 11.93 -2.67 3.38
N THR E 200 11.44 -3.50 4.29
CA THR E 200 12.23 -4.60 4.82
C THR E 200 11.30 -5.81 4.97
N GLN E 201 11.82 -7.04 4.98
CA GLN E 201 11.00 -8.22 5.27
C GLN E 201 11.73 -9.02 6.33
N LYS E 202 11.00 -9.52 7.33
CA LYS E 202 11.59 -10.43 8.33
C LYS E 202 10.92 -11.80 8.30
N SER E 203 11.72 -12.84 8.45
CA SER E 203 11.23 -14.19 8.22
C SER E 203 11.21 -14.89 9.58
N LEU E 204 10.49 -16.01 9.64
CA LEU E 204 10.10 -16.64 10.89
C LEU E 204 9.84 -18.10 10.56
N SER E 205 10.40 -19.05 11.31
CA SER E 205 10.20 -20.45 10.97
C SER E 205 10.46 -21.27 12.19
N LEU E 206 9.95 -22.49 12.19
CA LEU E 206 10.21 -23.34 13.32
C LEU E 206 11.62 -23.90 13.28
N SER E 207 12.38 -23.59 14.33
CA SER E 207 13.66 -24.23 14.63
C SER E 207 13.66 -25.75 14.35
N VAL F 3 -25.43 16.31 21.81
CA VAL F 3 -26.08 15.22 22.53
C VAL F 3 -25.44 13.82 22.34
N PHE F 4 -24.53 13.44 23.25
CA PHE F 4 -23.84 12.14 23.16
C PHE F 4 -23.93 11.29 24.43
N LEU F 5 -23.94 9.97 24.23
CA LEU F 5 -24.28 8.99 25.27
C LEU F 5 -23.38 7.77 25.26
N PHE F 6 -22.49 7.67 26.23
CA PHE F 6 -21.47 6.63 26.25
C PHE F 6 -21.73 5.49 27.24
N PRO F 7 -21.25 4.28 26.93
CA PRO F 7 -21.56 3.16 27.81
C PRO F 7 -20.59 3.10 28.98
N PRO F 8 -20.79 2.14 29.87
CA PRO F 8 -19.87 2.07 31.01
C PRO F 8 -18.47 1.52 30.62
N LYS F 9 -17.41 1.87 31.35
CA LYS F 9 -16.09 1.26 31.19
C LYS F 9 -16.25 -0.25 31.36
N PRO F 10 -15.73 -1.06 30.44
CA PRO F 10 -15.92 -2.52 30.58
C PRO F 10 -15.54 -3.06 31.93
N LYS F 11 -14.40 -2.63 32.46
CA LYS F 11 -13.96 -3.09 33.77
C LYS F 11 -15.05 -2.89 34.83
N ASP F 12 -15.77 -1.77 34.72
CA ASP F 12 -16.71 -1.33 35.73
C ASP F 12 -17.97 -2.19 35.76
N THR F 13 -18.34 -2.79 34.64
CA THR F 13 -19.51 -3.63 34.60
C THR F 13 -19.14 -5.03 35.05
N LEU F 14 -17.84 -5.31 35.11
CA LEU F 14 -17.40 -6.70 35.32
C LEU F 14 -16.95 -6.96 36.75
N MET F 15 -16.42 -5.93 37.40
CA MET F 15 -15.82 -6.11 38.71
C MET F 15 -16.72 -5.52 39.78
N ILE F 16 -17.14 -6.37 40.70
CA ILE F 16 -18.12 -5.99 41.72
C ILE F 16 -17.57 -4.85 42.59
N SER F 17 -16.26 -4.62 42.53
CA SER F 17 -15.64 -3.60 43.36
C SER F 17 -15.78 -2.26 42.73
N ARG F 18 -16.39 -2.22 41.55
CA ARG F 18 -16.49 -0.98 40.81
C ARG F 18 -17.95 -0.67 40.60
N THR F 19 -18.23 0.58 40.24
CA THR F 19 -19.58 1.00 40.03
C THR F 19 -19.72 1.52 38.59
N PRO F 20 -20.40 0.76 37.71
CA PRO F 20 -20.64 1.19 36.35
C PRO F 20 -21.68 2.28 36.22
N GLU F 21 -21.45 3.17 35.28
CA GLU F 21 -22.44 4.19 34.95
C GLU F 21 -22.46 4.48 33.49
N VAL F 22 -23.65 4.84 33.03
CA VAL F 22 -23.90 5.38 31.71
C VAL F 22 -23.82 6.93 31.74
N THR F 23 -23.15 7.48 30.73
CA THR F 23 -22.77 8.88 30.70
C THR F 23 -23.50 9.60 29.56
N CYS F 24 -24.19 10.70 29.85
CA CYS F 24 -24.96 11.44 28.82
C CYS F 24 -24.38 12.82 28.68
N VAL F 25 -23.59 13.02 27.63
CA VAL F 25 -22.91 14.31 27.43
C VAL F 25 -23.70 15.17 26.43
N VAL F 26 -23.81 16.46 26.72
CA VAL F 26 -24.47 17.33 25.75
C VAL F 26 -23.67 18.57 25.38
N VAL F 27 -23.68 18.81 24.07
CA VAL F 27 -22.93 19.86 23.38
C VAL F 27 -23.80 21.09 23.07
N ASP F 28 -23.22 22.08 22.40
CA ASP F 28 -23.94 23.29 22.04
C ASP F 28 -24.41 24.03 23.29
N VAL F 29 -23.49 24.24 24.23
CA VAL F 29 -23.82 24.94 25.47
C VAL F 29 -24.21 26.38 25.20
N SER F 30 -25.51 26.63 25.08
CA SER F 30 -26.02 27.97 24.82
C SER F 30 -25.78 28.88 26.02
N HIS F 31 -25.40 30.12 25.76
CA HIS F 31 -25.15 31.09 26.83
C HIS F 31 -26.46 31.55 27.45
N GLU F 32 -27.38 32.02 26.63
CA GLU F 32 -28.67 32.48 27.11
C GLU F 32 -29.27 31.50 28.11
N ASP F 33 -29.91 30.46 27.60
CA ASP F 33 -30.52 29.44 28.45
C ASP F 33 -29.57 28.26 28.64
N PRO F 34 -28.82 28.28 29.82
CA PRO F 34 -27.91 27.12 29.95
C PRO F 34 -28.47 26.05 30.86
N GLU F 35 -29.73 26.21 31.28
CA GLU F 35 -30.38 25.23 32.16
C GLU F 35 -30.87 24.00 31.38
N VAL F 36 -30.34 22.84 31.76
CA VAL F 36 -30.60 21.57 31.06
C VAL F 36 -31.26 20.51 31.92
N GLN F 37 -32.26 19.83 31.36
CA GLN F 37 -33.00 18.83 32.11
C GLN F 37 -32.93 17.45 31.46
N PHE F 38 -32.50 16.49 32.27
CA PHE F 38 -32.37 15.10 31.83
C PHE F 38 -33.48 14.26 32.42
N LYS F 39 -34.13 13.47 31.58
CA LYS F 39 -35.01 12.40 32.04
C LYS F 39 -34.42 11.09 31.52
N TRP F 40 -34.16 10.17 32.45
CA TRP F 40 -33.57 8.85 32.16
C TRP F 40 -34.57 7.68 32.25
N TYR F 41 -34.38 6.64 31.44
CA TYR F 41 -35.30 5.48 31.36
C TYR F 41 -34.50 4.16 31.31
N VAL F 42 -35.07 3.09 31.85
CA VAL F 42 -34.51 1.74 31.70
C VAL F 42 -35.59 0.75 31.22
N ASP F 43 -35.32 0.07 30.10
CA ASP F 43 -36.39 -0.60 29.32
C ASP F 43 -37.68 0.25 29.30
N GLY F 44 -37.54 1.57 29.18
CA GLY F 44 -38.70 2.44 29.03
C GLY F 44 -39.31 2.95 30.33
N VAL F 45 -38.87 2.39 31.45
CA VAL F 45 -39.33 2.81 32.80
C VAL F 45 -38.48 3.95 33.36
N GLU F 46 -39.08 5.07 33.74
CA GLU F 46 -38.27 6.21 34.20
C GLU F 46 -37.61 5.95 35.56
N VAL F 47 -36.38 6.49 35.70
CA VAL F 47 -35.54 6.40 36.91
C VAL F 47 -35.05 7.80 37.30
N HIS F 48 -34.55 7.94 38.52
CA HIS F 48 -34.26 9.25 39.10
C HIS F 48 -32.95 9.35 39.84
N ASN F 49 -32.12 8.32 39.79
CA ASN F 49 -30.84 8.38 40.52
C ASN F 49 -29.66 8.94 39.72
N ALA F 50 -29.95 9.83 38.76
CA ALA F 50 -28.89 10.52 38.01
C ALA F 50 -28.34 11.71 38.78
N LYS F 51 -27.29 12.32 38.23
CA LYS F 51 -26.48 13.34 38.91
C LYS F 51 -25.91 14.28 37.83
N THR F 52 -25.49 15.49 38.18
CA THR F 52 -25.09 16.46 37.15
C THR F 52 -24.06 17.47 37.67
N LYS F 53 -23.23 18.01 36.76
CA LYS F 53 -22.44 19.23 37.04
C LYS F 53 -21.87 19.85 35.73
N PRO F 54 -21.48 21.15 35.76
CA PRO F 54 -21.21 21.89 34.50
C PRO F 54 -19.74 22.01 34.07
N VAL F 65 -22.10 20.20 28.75
CA VAL F 65 -22.54 19.78 30.10
C VAL F 65 -23.23 18.37 30.17
N VAL F 66 -23.01 17.66 31.30
CA VAL F 66 -23.11 16.19 31.31
C VAL F 66 -23.79 15.54 32.54
N SER F 67 -24.56 14.47 32.28
CA SER F 67 -25.24 13.68 33.31
C SER F 67 -24.77 12.21 33.37
N VAL F 68 -24.70 11.69 34.61
CA VAL F 68 -24.24 10.32 34.88
C VAL F 68 -25.21 9.52 35.76
N LEU F 69 -25.58 8.37 35.20
CA LEU F 69 -26.54 7.45 35.75
C LEU F 69 -25.81 6.17 36.14
N THR F 70 -25.72 5.89 37.43
CA THR F 70 -25.23 4.62 37.90
C THR F 70 -26.21 3.50 37.45
N VAL F 71 -25.66 2.35 37.05
CA VAL F 71 -26.45 1.19 36.62
C VAL F 71 -26.03 -0.06 37.37
N LEU F 72 -26.88 -1.06 37.43
CA LEU F 72 -26.47 -2.37 37.95
C LEU F 72 -25.62 -3.20 36.98
N HIS F 73 -24.59 -3.85 37.50
CA HIS F 73 -23.76 -4.77 36.73
C HIS F 73 -24.59 -5.71 35.90
N GLN F 74 -25.55 -6.36 36.54
CA GLN F 74 -26.28 -7.41 35.88
C GLN F 74 -27.17 -6.84 34.82
N ASP F 75 -27.62 -5.60 35.01
CA ASP F 75 -28.55 -5.00 34.06
C ASP F 75 -27.86 -4.64 32.72
N TRP F 76 -26.68 -4.00 32.80
CA TRP F 76 -25.89 -3.75 31.60
C TRP F 76 -25.56 -5.06 30.89
N LEU F 77 -25.03 -6.04 31.63
CA LEU F 77 -24.71 -7.37 31.07
C LEU F 77 -25.87 -8.16 30.52
N ASN F 78 -27.08 -7.98 31.03
CA ASN F 78 -28.24 -8.74 30.54
C ASN F 78 -29.04 -8.03 29.43
N GLY F 79 -28.52 -6.92 28.92
CA GLY F 79 -29.07 -6.33 27.72
C GLY F 79 -30.07 -5.22 27.88
N LYS F 80 -30.35 -4.85 29.12
CA LYS F 80 -31.28 -3.77 29.39
C LYS F 80 -30.86 -2.51 28.60
N GLU F 81 -31.84 -1.77 28.08
CA GLU F 81 -31.61 -0.55 27.29
C GLU F 81 -31.78 0.71 28.12
N TYR F 82 -30.91 1.67 27.86
CA TYR F 82 -30.83 2.93 28.58
C TYR F 82 -31.09 4.14 27.67
N LYS F 83 -32.14 4.91 27.99
CA LYS F 83 -32.55 6.08 27.18
C LYS F 83 -32.44 7.36 28.04
N CYS F 84 -32.03 8.45 27.40
CA CYS F 84 -31.81 9.72 28.07
C CYS F 84 -32.49 10.79 27.19
N LYS F 85 -33.52 11.44 27.72
CA LYS F 85 -34.24 12.51 27.03
C LYS F 85 -33.72 13.86 27.52
N VAL F 86 -33.32 14.71 26.58
CA VAL F 86 -32.68 15.98 26.93
C VAL F 86 -33.54 17.19 26.54
N SER F 87 -33.74 18.09 27.49
CA SER F 87 -34.66 19.21 27.31
C SER F 87 -33.95 20.51 27.62
N ASN F 88 -34.07 21.46 26.70
CA ASN F 88 -33.47 22.79 26.85
C ASN F 88 -34.42 23.84 26.29
N LYS F 89 -34.25 25.08 26.74
CA LYS F 89 -35.03 26.21 26.22
C LYS F 89 -34.98 26.25 24.66
N ALA F 90 -33.81 26.08 24.09
CA ALA F 90 -33.71 25.91 22.66
C ALA F 90 -34.29 24.55 22.28
N LEU F 91 -34.12 24.16 21.02
CA LEU F 91 -34.59 22.87 20.50
C LEU F 91 -36.07 22.79 20.20
N PRO F 92 -36.36 22.55 18.85
CA PRO F 92 -37.80 22.39 18.59
C PRO F 92 -38.42 21.36 19.47
N ALA F 93 -37.60 20.45 19.96
CA ALA F 93 -38.10 19.32 20.72
C ALA F 93 -36.96 18.69 21.47
N PRO F 94 -37.22 17.75 22.37
CA PRO F 94 -36.06 17.17 23.05
C PRO F 94 -35.43 16.04 22.20
N ILE F 95 -34.21 15.61 22.52
CA ILE F 95 -33.57 14.46 21.83
C ILE F 95 -33.53 13.20 22.69
N GLU F 96 -33.73 12.06 22.02
CA GLU F 96 -33.78 10.75 22.67
C GLU F 96 -32.79 9.74 22.07
N LYS F 97 -31.59 9.72 22.64
CA LYS F 97 -30.55 8.74 22.29
C LYS F 97 -30.56 7.53 23.26
N THR F 98 -30.69 6.33 22.70
CA THR F 98 -30.79 5.10 23.47
C THR F 98 -29.52 4.23 23.27
N ILE F 99 -29.12 3.46 24.29
CA ILE F 99 -27.89 2.66 24.22
C ILE F 99 -28.01 1.33 24.95
N SER F 100 -27.26 0.33 24.49
CA SER F 100 -27.28 -0.97 25.14
C SER F 100 -26.05 -1.79 24.80
N LYS F 101 -25.90 -2.91 25.48
CA LYS F 101 -24.77 -3.80 25.23
C LYS F 101 -24.89 -4.42 23.86
N THR F 102 -23.75 -4.42 23.16
CA THR F 102 -23.60 -5.14 21.90
C THR F 102 -24.07 -6.57 22.00
N LYS F 103 -25.04 -6.89 21.15
CA LYS F 103 -25.58 -8.22 21.05
C LYS F 103 -24.66 -9.20 20.30
N GLY F 104 -24.92 -10.48 20.50
CA GLY F 104 -24.14 -11.52 19.89
C GLY F 104 -23.62 -12.49 20.93
N GLN F 105 -23.54 -13.74 20.52
CA GLN F 105 -23.04 -14.84 21.35
C GLN F 105 -21.66 -14.57 21.97
N PRO F 106 -21.58 -14.54 23.30
CA PRO F 106 -20.28 -14.22 23.85
C PRO F 106 -19.27 -15.36 23.71
N ARG F 107 -17.99 -15.01 23.67
CA ARG F 107 -16.97 -16.03 23.41
C ARG F 107 -15.74 -15.69 24.21
N GLU F 108 -15.15 -16.72 24.76
CA GLU F 108 -14.10 -16.61 25.74
C GLU F 108 -12.72 -16.21 25.17
N PRO F 109 -12.15 -15.09 25.65
CA PRO F 109 -10.78 -14.75 25.23
C PRO F 109 -9.80 -15.86 25.55
N GLN F 110 -8.85 -16.06 24.66
CA GLN F 110 -7.70 -16.93 24.92
C GLN F 110 -6.51 -15.99 25.03
N VAL F 111 -5.63 -16.26 25.98
CA VAL F 111 -4.63 -15.27 26.40
C VAL F 111 -3.22 -15.88 26.40
N TYR F 112 -2.32 -15.28 25.63
CA TYR F 112 -0.99 -15.82 25.43
C TYR F 112 0.08 -14.75 25.71
N THR F 113 1.20 -15.16 26.29
CA THR F 113 2.27 -14.20 26.58
C THR F 113 3.42 -14.54 25.71
N LEU F 114 4.12 -13.51 25.25
CA LEU F 114 5.17 -13.68 24.26
C LEU F 114 6.33 -12.83 24.70
N PRO F 115 7.52 -13.44 24.80
CA PRO F 115 8.70 -12.68 25.24
C PRO F 115 9.29 -11.83 24.14
N PRO F 116 10.26 -10.97 24.48
CA PRO F 116 10.92 -10.17 23.44
C PRO F 116 11.63 -11.08 22.47
N SER F 117 11.66 -10.65 21.21
CA SER F 117 12.53 -11.22 20.18
C SER F 117 13.98 -11.02 20.59
N ARG F 118 14.83 -12.02 20.34
CA ARG F 118 16.28 -11.90 20.54
C ARG F 118 16.75 -10.58 19.94
N GLU F 119 16.31 -10.31 18.71
CA GLU F 119 16.72 -9.09 18.02
C GLU F 119 16.45 -7.76 18.78
N GLU F 120 15.49 -7.72 19.74
CA GLU F 120 15.21 -6.45 20.47
C GLU F 120 16.17 -6.22 21.63
N MET F 121 16.83 -7.31 22.07
CA MET F 121 17.71 -7.33 23.24
C MET F 121 18.85 -6.35 23.14
N THR F 122 19.12 -5.84 21.95
CA THR F 122 20.13 -4.83 21.80
C THR F 122 19.74 -3.45 22.37
N LYS F 123 18.46 -3.20 22.58
CA LYS F 123 18.00 -1.87 22.99
C LYS F 123 18.02 -1.71 24.51
N ASN F 124 17.86 -0.46 24.95
CA ASN F 124 17.80 -0.16 26.38
C ASN F 124 16.57 -0.80 27.01
N GLN F 125 15.42 -0.57 26.39
CA GLN F 125 14.16 -1.18 26.82
C GLN F 125 13.72 -2.31 25.87
N VAL F 126 12.97 -3.30 26.40
CA VAL F 126 12.36 -4.35 25.59
C VAL F 126 10.82 -4.42 25.72
N SER F 127 10.23 -5.42 25.08
CA SER F 127 8.77 -5.43 24.86
C SER F 127 8.21 -6.75 25.30
N LEU F 128 7.30 -6.67 26.25
CA LEU F 128 6.60 -7.86 26.71
C LEU F 128 5.19 -7.82 26.14
N THR F 129 4.81 -8.92 25.51
CA THR F 129 3.67 -8.93 24.62
C THR F 129 2.62 -9.92 25.07
N CYS F 130 1.39 -9.41 25.15
CA CYS F 130 0.23 -10.27 25.40
C CYS F 130 -0.78 -10.17 24.23
N LEU F 131 -1.05 -11.36 23.68
CA LEU F 131 -2.01 -11.61 22.63
C LEU F 131 -3.31 -12.09 23.22
N VAL F 132 -4.40 -11.37 22.97
CA VAL F 132 -5.72 -11.81 23.39
C VAL F 132 -6.63 -11.99 22.18
N LYS F 133 -7.14 -13.19 21.96
CA LYS F 133 -7.88 -13.48 20.74
C LYS F 133 -9.12 -14.31 21.02
N GLY F 134 -10.04 -14.29 20.08
CA GLY F 134 -11.18 -15.20 20.13
C GLY F 134 -12.33 -14.69 20.97
N PHE F 135 -12.23 -13.46 21.48
CA PHE F 135 -13.28 -12.92 22.33
C PHE F 135 -14.42 -12.20 21.62
N TYR F 136 -15.61 -12.32 22.21
CA TYR F 136 -16.82 -11.63 21.78
C TYR F 136 -17.74 -11.36 23.01
N PRO F 137 -18.31 -10.16 23.13
CA PRO F 137 -18.15 -8.91 22.37
C PRO F 137 -16.80 -8.26 22.59
N SER F 138 -16.61 -7.02 22.12
CA SER F 138 -15.27 -6.45 22.06
C SER F 138 -14.91 -5.78 23.40
N ASP F 139 -15.95 -5.58 24.22
CA ASP F 139 -15.88 -5.03 25.59
C ASP F 139 -14.86 -5.79 26.44
N ILE F 140 -13.71 -5.17 26.76
CA ILE F 140 -12.62 -5.89 27.42
C ILE F 140 -11.66 -4.96 28.18
N ALA F 141 -11.00 -5.48 29.23
CA ALA F 141 -10.00 -4.70 29.95
C ALA F 141 -8.71 -5.47 30.16
N VAL F 142 -7.60 -4.76 30.06
CA VAL F 142 -6.28 -5.37 30.18
C VAL F 142 -5.39 -4.51 31.05
N GLU F 143 -4.57 -5.17 31.86
CA GLU F 143 -3.71 -4.48 32.84
C GLU F 143 -2.49 -5.33 33.03
N TRP F 144 -1.34 -4.70 33.16
CA TRP F 144 -0.13 -5.44 33.51
C TRP F 144 0.30 -5.14 34.95
N GLU F 145 0.87 -6.13 35.62
CA GLU F 145 1.49 -5.90 36.93
C GLU F 145 2.74 -6.74 37.19
N SER F 146 3.56 -6.28 38.12
CA SER F 146 4.74 -7.03 38.54
C SER F 146 4.97 -6.92 40.07
N SER F 147 5.18 -8.07 40.72
CA SER F 147 5.30 -8.16 42.18
C SER F 147 4.16 -7.41 42.85
N GLY F 148 2.94 -7.83 42.59
CA GLY F 148 1.77 -7.19 43.13
C GLY F 148 1.75 -5.68 42.99
N GLN F 149 2.24 -5.17 41.87
CA GLN F 149 2.33 -3.73 41.65
C GLN F 149 2.03 -3.33 40.17
N PRO F 150 1.04 -2.46 39.95
CA PRO F 150 0.69 -2.06 38.57
C PRO F 150 1.87 -1.44 37.79
N GLU F 151 1.93 -1.66 36.47
CA GLU F 151 3.05 -1.18 35.67
C GLU F 151 2.74 0.14 35.03
N ASN F 152 3.81 0.90 34.82
CA ASN F 152 3.79 2.08 33.99
C ASN F 152 4.22 1.68 32.58
N ASN F 153 3.92 2.53 31.62
CA ASN F 153 4.35 2.28 30.25
C ASN F 153 3.92 0.89 29.72
N TYR F 154 2.62 0.65 29.64
CA TYR F 154 2.14 -0.40 28.75
C TYR F 154 1.14 0.27 27.82
N ASN F 155 0.92 -0.35 26.66
CA ASN F 155 -0.05 0.18 25.71
C ASN F 155 -0.84 -0.97 25.14
N THR F 156 -2.15 -0.76 25.01
CA THR F 156 -3.05 -1.77 24.53
C THR F 156 -3.86 -1.29 23.31
N THR F 157 -3.77 -2.03 22.20
CA THR F 157 -4.46 -1.67 20.96
C THR F 157 -5.97 -1.79 21.18
N PRO F 158 -6.76 -0.97 20.49
CA PRO F 158 -8.18 -1.31 20.48
C PRO F 158 -8.39 -2.69 19.92
N PRO F 159 -9.49 -3.35 20.31
CA PRO F 159 -9.80 -4.63 19.68
C PRO F 159 -9.96 -4.50 18.18
N MET F 160 -9.71 -5.60 17.51
CA MET F 160 -9.82 -5.64 16.08
C MET F 160 -10.51 -6.91 15.64
N LEU F 161 -11.38 -6.77 14.65
CA LEU F 161 -12.15 -7.92 14.18
C LEU F 161 -11.29 -8.88 13.37
N ASP F 162 -11.44 -10.15 13.69
CA ASP F 162 -10.65 -11.26 13.14
C ASP F 162 -11.49 -12.09 12.16
N SER F 163 -10.89 -13.11 11.52
CA SER F 163 -11.47 -13.68 10.30
C SER F 163 -12.52 -14.71 10.64
N ASP F 164 -12.76 -14.91 11.94
CA ASP F 164 -13.87 -15.75 12.38
C ASP F 164 -14.94 -14.90 13.07
N GLY F 165 -14.85 -13.58 13.00
CA GLY F 165 -15.87 -12.75 13.64
C GLY F 165 -15.78 -12.53 15.14
N SER F 166 -14.74 -13.09 15.75
CA SER F 166 -14.31 -12.74 17.10
C SER F 166 -13.37 -11.56 17.01
N PHE F 167 -12.94 -11.04 18.16
CA PHE F 167 -11.98 -9.97 18.21
C PHE F 167 -10.62 -10.47 18.72
N PHE F 168 -9.58 -9.75 18.38
CA PHE F 168 -8.28 -9.98 19.03
C PHE F 168 -7.68 -8.64 19.42
N LEU F 169 -6.71 -8.63 20.36
CA LEU F 169 -5.92 -7.43 20.52
C LEU F 169 -4.53 -7.76 20.97
N TYR F 170 -3.69 -6.74 21.03
CA TYR F 170 -2.36 -6.88 21.64
C TYR F 170 -2.11 -5.85 22.74
N SER F 171 -1.50 -6.33 23.83
CA SER F 171 -0.98 -5.45 24.87
C SER F 171 0.55 -5.46 24.89
N LYS F 172 1.18 -4.29 24.82
CA LYS F 172 2.64 -4.22 24.86
C LYS F 172 3.13 -3.55 26.14
N LEU F 173 3.88 -4.28 26.94
CA LEU F 173 4.43 -3.69 28.16
C LEU F 173 5.88 -3.33 27.89
N THR F 174 6.22 -2.07 28.10
CA THR F 174 7.60 -1.61 27.96
C THR F 174 8.31 -1.59 29.33
N VAL F 175 9.44 -2.27 29.34
CA VAL F 175 10.18 -2.62 30.54
C VAL F 175 11.71 -2.40 30.29
N ASP F 176 12.48 -1.92 31.28
CA ASP F 176 13.97 -1.87 31.14
C ASP F 176 14.61 -3.25 30.97
N LYS F 177 15.59 -3.37 30.08
CA LYS F 177 16.14 -4.69 29.80
C LYS F 177 16.65 -5.41 31.06
N SER F 178 17.28 -4.67 31.98
CA SER F 178 17.82 -5.25 33.21
C SER F 178 16.79 -6.07 33.94
N ARG F 179 15.59 -5.50 34.13
CA ARG F 179 14.50 -6.19 34.84
C ARG F 179 14.02 -7.49 34.16
N TRP F 180 14.00 -7.57 32.82
CA TRP F 180 13.64 -8.84 32.17
C TRP F 180 14.71 -9.90 32.39
N GLN F 181 15.97 -9.51 32.18
CA GLN F 181 17.13 -10.45 32.23
C GLN F 181 17.44 -11.00 33.61
N GLN F 182 17.22 -10.14 34.60
CA GLN F 182 17.37 -10.52 36.00
C GLN F 182 16.32 -11.56 36.43
N GLY F 183 15.29 -11.78 35.61
CA GLY F 183 14.37 -12.90 35.83
C GLY F 183 13.10 -12.50 36.53
N ASN F 184 12.91 -11.19 36.71
CA ASN F 184 11.66 -10.68 37.25
C ASN F 184 10.49 -11.16 36.39
N ILE F 185 9.36 -11.35 37.08
CA ILE F 185 8.17 -11.95 36.51
C ILE F 185 7.10 -10.88 36.31
N PHE F 186 6.43 -10.91 35.16
CA PHE F 186 5.37 -9.96 34.88
C PHE F 186 4.14 -10.73 34.53
N SER F 187 2.99 -10.17 34.85
CA SER F 187 1.78 -10.90 34.58
C SER F 187 0.77 -9.97 34.00
N CYS F 188 0.02 -10.50 33.03
CA CYS F 188 -0.97 -9.72 32.32
C CYS F 188 -2.31 -10.29 32.71
N SER F 189 -3.25 -9.39 32.98
CA SER F 189 -4.57 -9.82 33.37
C SER F 189 -5.62 -9.18 32.52
N VAL F 190 -6.62 -9.98 32.23
CA VAL F 190 -7.60 -9.69 31.25
C VAL F 190 -8.93 -9.94 31.89
N MET F 191 -9.82 -8.98 31.75
CA MET F 191 -11.19 -9.09 32.25
C MET F 191 -12.18 -9.02 31.11
N HIS F 192 -13.06 -10.02 31.06
CA HIS F 192 -14.08 -10.12 30.02
C HIS F 192 -15.32 -10.84 30.52
N GLU F 193 -16.50 -10.55 30.00
CA GLU F 193 -17.71 -11.25 30.49
C GLU F 193 -17.68 -12.78 30.34
N ALA F 194 -16.96 -13.27 29.33
CA ALA F 194 -16.98 -14.69 28.97
C ALA F 194 -15.86 -15.48 29.67
N LEU F 195 -15.12 -14.81 30.56
CA LEU F 195 -14.17 -15.51 31.42
C LEU F 195 -14.82 -15.94 32.74
N HIS F 196 -14.34 -17.03 33.31
CA HIS F 196 -14.79 -17.47 34.60
C HIS F 196 -14.39 -16.39 35.64
N ASN F 197 -15.31 -15.97 36.48
CA ASN F 197 -15.06 -14.88 37.40
C ASN F 197 -14.78 -13.56 36.68
N HIS F 198 -14.98 -13.52 35.37
CA HIS F 198 -14.68 -12.34 34.58
C HIS F 198 -13.21 -11.91 34.52
N TYR F 199 -12.30 -12.79 34.91
CA TYR F 199 -10.88 -12.48 34.73
C TYR F 199 -9.98 -13.69 34.67
N THR F 200 -8.75 -13.44 34.20
CA THR F 200 -7.71 -14.46 34.19
C THR F 200 -6.38 -13.71 34.10
N GLN F 201 -5.30 -14.35 34.46
CA GLN F 201 -4.02 -13.69 34.29
C GLN F 201 -2.95 -14.65 33.93
N LYS F 202 -2.01 -14.16 33.16
CA LYS F 202 -0.97 -14.99 32.59
C LYS F 202 0.32 -14.31 32.86
N SER F 203 1.34 -15.11 33.14
CA SER F 203 2.59 -14.55 33.54
C SER F 203 3.70 -15.02 32.63
N LEU F 204 4.76 -14.22 32.66
CA LEU F 204 5.81 -14.25 31.68
C LEU F 204 7.13 -13.84 32.33
N SER F 205 8.13 -14.70 32.24
CA SER F 205 9.47 -14.31 32.66
C SER F 205 10.53 -15.05 31.90
N LEU F 206 11.75 -14.55 32.04
CA LEU F 206 12.90 -15.21 31.44
C LEU F 206 13.27 -16.48 32.20
N SER F 207 13.38 -17.62 31.50
CA SER F 207 13.81 -18.86 32.16
C SER F 207 15.35 -18.89 32.30
#